data_5C23
#
_entry.id   5C23
#
_cell.length_a   66.279
_cell.length_b   66.290
_cell.length_c   205.639
_cell.angle_alpha   90.00
_cell.angle_beta   90.00
_cell.angle_gamma   90.00
#
_symmetry.space_group_name_H-M   'P 21 21 21'
#
loop_
_entity.id
_entity.type
_entity.pdbx_description
1 polymer 'E3 ubiquitin-protein ligase parkin'
2 non-polymer 'ZINC ION'
3 non-polymer GLYCEROL
4 non-polymer 'SULFATE ION'
5 non-polymer 'CHLORIDE ION'
6 water water
#
_entity_poly.entity_id   1
_entity_poly.type   'polypeptide(L)'
_entity_poly.pdbx_seq_one_letter_code
;MIVFVRFNSSHGFPVEVDSDTSIFQLKEVVAKRQGVPADQLRVIFAGKELRNDWTVQNCDLDQQDIVHIVQRPWRKGQEM
NATNSFYVYCKGPCQRVQPGKLRVQCSTCRQATLTLTQGPSCWDDVLIPNRMSGECQSPHCPGTSAEFFFKCGAHPTSDK
ETSVALHLIATNSRNITCITCTDVRSPVLVFQCNSRHVICLDCFHLYCVTRLNDRQFVHDPQLGYSLPCVAGCPNSLIKE
LHHFRILGEEQYNRYQQYGAEECVLQMGGVLCPRPGCGAGLLPEPDQRKVTCEGGNGLGCGFAFCRECKEAYHEGECSAV
FEASGTTTQAYRVDERAAEQARWEAASKETIKKTTKPCPRCHVPVEKNGGCMHMKCPQPQCRLEWCWNCGCEWNRVCMGD
HWFDV
;
_entity_poly.pdbx_strand_id   A,B
#
loop_
_chem_comp.id
_chem_comp.type
_chem_comp.name
_chem_comp.formula
CL non-polymer 'CHLORIDE ION' 'Cl -1'
GOL non-polymer GLYCEROL 'C3 H8 O3'
SO4 non-polymer 'SULFATE ION' 'O4 S -2'
ZN non-polymer 'ZINC ION' 'Zn 2'
#
# COMPACT_ATOMS: atom_id res chain seq x y z
N MET A 1 -3.46 44.60 -25.70
CA MET A 1 -3.97 43.23 -25.58
C MET A 1 -3.65 42.67 -24.19
N ILE A 2 -4.58 41.89 -23.61
CA ILE A 2 -4.41 41.29 -22.29
C ILE A 2 -4.57 39.77 -22.33
N VAL A 3 -3.59 39.04 -21.77
CA VAL A 3 -3.58 37.59 -21.64
C VAL A 3 -3.50 37.20 -20.17
N PHE A 4 -4.08 36.04 -19.79
CA PHE A 4 -4.05 35.57 -18.42
C PHE A 4 -2.93 34.56 -18.22
N VAL A 5 -2.11 34.78 -17.18
CA VAL A 5 -0.97 33.93 -16.86
C VAL A 5 -1.28 33.02 -15.67
N ARG A 6 -1.22 31.70 -15.89
CA ARG A 6 -1.44 30.68 -14.85
C ARG A 6 -0.09 30.17 -14.38
N PHE A 7 0.32 30.58 -13.17
CA PHE A 7 1.59 30.21 -12.54
C PHE A 7 1.30 29.66 -11.15
N ASN A 8 1.34 28.31 -11.02
CA ASN A 8 1.08 27.54 -9.79
C ASN A 8 -0.28 27.90 -9.14
N SER A 9 -1.31 28.13 -9.98
CA SER A 9 -2.66 28.52 -9.55
C SER A 9 -3.71 28.14 -10.60
N SER A 10 -4.96 27.94 -10.16
CA SER A 10 -6.09 27.61 -11.02
C SER A 10 -6.64 28.88 -11.72
N HIS A 11 -6.32 30.07 -11.15
CA HIS A 11 -6.73 31.37 -11.68
C HIS A 11 -5.57 32.07 -12.40
N GLY A 12 -5.86 32.61 -13.58
CA GLY A 12 -4.88 33.33 -14.39
C GLY A 12 -4.96 34.83 -14.19
N PHE A 13 -3.86 35.44 -13.71
CA PHE A 13 -3.78 36.89 -13.48
C PHE A 13 -3.58 37.65 -14.81
N PRO A 14 -4.21 38.84 -14.98
CA PRO A 14 -4.06 39.56 -16.26
C PRO A 14 -2.72 40.27 -16.46
N VAL A 15 -2.14 40.09 -17.67
CA VAL A 15 -0.87 40.72 -18.08
C VAL A 15 -1.10 41.41 -19.44
N GLU A 16 -0.76 42.71 -19.52
CA GLU A 16 -0.90 43.49 -20.74
C GLU A 16 0.33 43.35 -21.64
N VAL A 17 0.10 42.95 -22.90
CA VAL A 17 1.14 42.72 -23.92
C VAL A 17 0.74 43.36 -25.28
N ASP A 18 1.73 43.57 -26.15
CA ASP A 18 1.53 44.10 -27.49
C ASP A 18 1.83 42.99 -28.52
N SER A 19 1.53 43.23 -29.81
CA SER A 19 1.76 42.27 -30.90
C SER A 19 3.26 41.94 -31.07
N ASP A 20 4.13 42.94 -30.83
CA ASP A 20 5.58 42.85 -30.94
C ASP A 20 6.26 42.35 -29.65
N THR A 21 5.48 42.10 -28.58
CA THR A 21 6.00 41.60 -27.30
C THR A 21 6.40 40.12 -27.46
N SER A 22 7.67 39.82 -27.21
CA SER A 22 8.20 38.46 -27.32
C SER A 22 7.89 37.65 -26.06
N ILE A 23 7.97 36.31 -26.17
CA ILE A 23 7.74 35.36 -25.07
C ILE A 23 8.75 35.59 -23.94
N PHE A 24 10.01 35.89 -24.30
CA PHE A 24 11.09 36.21 -23.36
C PHE A 24 10.75 37.48 -22.56
N GLN A 25 10.11 38.46 -23.22
CA GLN A 25 9.67 39.72 -22.59
C GLN A 25 8.50 39.48 -21.65
N LEU A 26 7.60 38.53 -22.01
CA LEU A 26 6.47 38.13 -21.17
C LEU A 26 6.99 37.40 -19.93
N LYS A 27 8.02 36.53 -20.12
CA LYS A 27 8.70 35.79 -19.05
C LYS A 27 9.35 36.78 -18.08
N GLU A 28 10.03 37.83 -18.61
CA GLU A 28 10.69 38.89 -17.83
C GLU A 28 9.72 39.64 -16.93
N VAL A 29 8.49 39.92 -17.42
CA VAL A 29 7.41 40.62 -16.70
C VAL A 29 6.94 39.76 -15.50
N VAL A 30 6.72 38.46 -15.72
CA VAL A 30 6.26 37.51 -14.69
C VAL A 30 7.43 37.16 -13.73
N ALA A 31 8.68 37.23 -14.22
CA ALA A 31 9.91 36.96 -13.45
C ALA A 31 10.08 37.95 -12.29
N LYS A 32 9.99 39.27 -12.58
CA LYS A 32 10.11 40.33 -11.57
C LYS A 32 8.88 40.44 -10.68
N ARG A 33 7.70 40.02 -11.20
CA ARG A 33 6.42 40.03 -10.48
C ARG A 33 6.39 38.94 -9.39
N GLN A 34 6.96 37.76 -9.70
CA GLN A 34 6.99 36.60 -8.80
C GLN A 34 8.31 36.40 -8.03
N GLY A 35 9.37 37.10 -8.47
CA GLY A 35 10.70 37.01 -7.86
C GLY A 35 11.43 35.71 -8.15
N VAL A 36 11.21 35.18 -9.37
CA VAL A 36 11.80 33.93 -9.87
C VAL A 36 12.64 34.27 -11.12
N PRO A 37 13.86 33.69 -11.33
CA PRO A 37 14.64 34.04 -12.54
C PRO A 37 13.94 33.64 -13.86
N ALA A 38 14.02 34.51 -14.87
CA ALA A 38 13.41 34.36 -16.20
C ALA A 38 13.88 33.14 -16.99
N ASP A 39 15.16 32.73 -16.81
CA ASP A 39 15.76 31.59 -17.53
C ASP A 39 15.26 30.22 -17.01
N GLN A 40 14.39 30.22 -15.98
CA GLN A 40 13.79 29.03 -15.36
C GLN A 40 12.31 28.87 -15.76
N LEU A 41 11.70 29.92 -16.34
CA LEU A 41 10.29 29.93 -16.75
C LEU A 41 10.05 29.34 -18.13
N ARG A 42 8.87 28.70 -18.32
CA ARG A 42 8.43 28.05 -19.55
C ARG A 42 6.99 28.47 -19.86
N VAL A 43 6.74 28.96 -21.09
CA VAL A 43 5.39 29.40 -21.49
C VAL A 43 4.69 28.29 -22.27
N ILE A 44 3.52 27.86 -21.76
CA ILE A 44 2.70 26.81 -22.35
C ILE A 44 1.35 27.39 -22.79
N PHE A 45 0.97 27.16 -24.05
CA PHE A 45 -0.30 27.62 -24.61
C PHE A 45 -0.94 26.47 -25.38
N ALA A 46 -2.12 26.02 -24.92
CA ALA A 46 -2.90 24.90 -25.49
C ALA A 46 -2.05 23.63 -25.64
N GLY A 47 -1.35 23.27 -24.55
CA GLY A 47 -0.48 22.11 -24.47
C GLY A 47 0.83 22.18 -25.24
N LYS A 48 1.14 23.36 -25.84
CA LYS A 48 2.36 23.56 -26.63
C LYS A 48 3.23 24.69 -26.08
N GLU A 49 4.55 24.44 -26.01
CA GLU A 49 5.52 25.40 -25.51
C GLU A 49 5.80 26.51 -26.52
N LEU A 50 5.82 27.76 -26.03
CA LEU A 50 6.11 28.95 -26.84
C LEU A 50 7.55 29.39 -26.62
N ARG A 51 8.32 29.51 -27.71
CA ARG A 51 9.74 29.87 -27.72
C ARG A 51 9.99 31.36 -27.50
N ASN A 52 11.09 31.68 -26.78
CA ASN A 52 11.56 33.02 -26.40
C ASN A 52 11.54 34.07 -27.51
N ASP A 53 12.06 33.71 -28.69
CA ASP A 53 12.16 34.60 -29.86
C ASP A 53 10.81 34.92 -30.54
N TRP A 54 9.78 34.08 -30.33
CA TRP A 54 8.46 34.29 -30.93
C TRP A 54 7.73 35.45 -30.25
N THR A 55 7.04 36.27 -31.05
CA THR A 55 6.25 37.40 -30.55
C THR A 55 4.81 36.94 -30.32
N VAL A 56 3.97 37.81 -29.74
CA VAL A 56 2.55 37.55 -29.49
C VAL A 56 1.81 37.23 -30.81
N GLN A 57 2.10 37.99 -31.88
CA GLN A 57 1.52 37.83 -33.23
C GLN A 57 1.94 36.49 -33.86
N ASN A 58 3.21 36.07 -33.66
CA ASN A 58 3.74 34.80 -34.17
C ASN A 58 3.02 33.61 -33.54
N CYS A 59 2.77 33.68 -32.21
CA CYS A 59 2.09 32.65 -31.42
C CYS A 59 0.58 32.59 -31.68
N ASP A 60 0.01 33.62 -32.36
CA ASP A 60 -1.41 33.77 -32.67
C ASP A 60 -2.23 33.90 -31.36
N LEU A 61 -1.72 34.73 -30.44
CA LEU A 61 -2.35 35.02 -29.16
C LEU A 61 -3.34 36.16 -29.32
N ASP A 62 -4.56 35.97 -28.82
CA ASP A 62 -5.64 36.96 -28.90
C ASP A 62 -6.07 37.41 -27.49
N GLN A 63 -7.07 38.31 -27.42
CA GLN A 63 -7.64 38.81 -26.16
C GLN A 63 -8.30 37.68 -25.38
N GLN A 64 -8.18 37.70 -24.04
CA GLN A 64 -8.73 36.73 -23.08
C GLN A 64 -8.11 35.30 -23.19
N ASP A 65 -7.01 35.14 -23.97
CA ASP A 65 -6.33 33.86 -24.11
C ASP A 65 -5.56 33.53 -22.83
N ILE A 66 -5.60 32.26 -22.41
CA ILE A 66 -4.93 31.81 -21.19
C ILE A 66 -3.61 31.09 -21.52
N VAL A 67 -2.52 31.56 -20.90
CA VAL A 67 -1.18 30.97 -21.02
C VAL A 67 -0.73 30.46 -19.65
N HIS A 68 0.06 29.39 -19.65
CA HIS A 68 0.61 28.79 -18.44
C HIS A 68 2.09 29.13 -18.35
N ILE A 69 2.56 29.43 -17.14
CA ILE A 69 3.97 29.69 -16.85
C ILE A 69 4.39 28.70 -15.77
N VAL A 70 5.32 27.81 -16.11
CA VAL A 70 5.82 26.76 -15.22
C VAL A 70 7.33 26.92 -15.00
N GLN A 71 7.75 26.88 -13.72
CA GLN A 71 9.14 27.00 -13.29
C GLN A 71 9.84 25.64 -13.37
N ARG A 72 10.63 25.44 -14.44
CA ARG A 72 11.44 24.25 -14.70
C ARG A 72 12.55 24.59 -15.70
N PRO A 73 13.83 24.63 -15.29
CA PRO A 73 14.89 24.95 -16.25
C PRO A 73 15.14 23.79 -17.21
N TRP A 74 15.19 24.09 -18.51
CA TRP A 74 15.44 23.07 -19.53
C TRP A 74 16.91 22.69 -19.54
N ARG A 75 17.21 21.41 -19.27
CA ARG A 75 18.57 20.88 -19.22
C ARG A 75 18.82 19.93 -20.38
N LYS A 76 19.88 20.18 -21.16
CA LYS A 76 20.26 19.36 -22.32
C LYS A 76 21.20 18.21 -21.93
N GLY A 77 21.99 18.43 -20.86
CA GLY A 77 22.95 17.46 -20.34
C GLY A 77 22.31 16.20 -19.81
N GLN A 78 22.35 15.12 -20.62
CA GLN A 78 21.78 13.79 -20.31
C GLN A 78 22.59 12.65 -20.95
N GLU A 79 22.49 11.43 -20.37
CA GLU A 79 23.21 10.25 -20.88
C GLU A 79 22.28 9.34 -21.69
N MET A 80 22.58 9.18 -22.99
CA MET A 80 21.81 8.36 -23.91
C MET A 80 22.18 6.87 -23.84
N ASN A 81 23.49 6.56 -23.81
CA ASN A 81 24.00 5.20 -23.74
C ASN A 81 24.30 4.75 -22.30
N ALA A 82 23.40 5.10 -21.36
CA ALA A 82 23.50 4.75 -19.94
C ALA A 82 23.26 3.25 -19.74
N THR A 83 24.01 2.65 -18.80
CA THR A 83 23.94 1.21 -18.49
C THR A 83 22.83 0.84 -17.52
N ASN A 84 22.31 1.83 -16.74
CA ASN A 84 21.29 1.63 -15.72
C ASN A 84 19.93 1.21 -16.31
N SER A 85 19.27 0.26 -15.63
CA SER A 85 17.96 -0.27 -16.02
C SER A 85 16.82 0.34 -15.22
N PHE A 86 17.11 0.78 -13.98
CA PHE A 86 16.12 1.30 -13.05
C PHE A 86 16.30 2.76 -12.68
N TYR A 87 15.18 3.40 -12.28
CA TYR A 87 15.08 4.78 -11.85
C TYR A 87 14.22 4.86 -10.59
N VAL A 88 14.66 5.69 -9.64
CA VAL A 88 13.97 5.88 -8.36
C VAL A 88 13.82 7.37 -8.05
N TYR A 89 12.87 7.72 -7.17
CA TYR A 89 12.72 9.09 -6.74
C TYR A 89 13.37 9.19 -5.37
N CYS A 90 14.54 9.85 -5.34
CA CYS A 90 15.29 10.07 -4.11
C CYS A 90 14.68 11.28 -3.42
N LYS A 91 14.10 11.10 -2.21
CA LYS A 91 13.44 12.18 -1.48
C LYS A 91 14.41 12.98 -0.57
N GLY A 92 15.70 12.93 -0.90
CA GLY A 92 16.78 13.61 -0.18
C GLY A 92 18.04 12.77 -0.16
N PRO A 93 19.23 13.34 -0.50
CA PRO A 93 19.51 14.74 -0.85
C PRO A 93 19.29 15.15 -2.32
N CYS A 94 18.96 14.19 -3.20
CA CYS A 94 18.77 14.46 -4.63
C CYS A 94 17.50 15.26 -4.95
N GLN A 95 16.32 14.82 -4.42
CA GLN A 95 15.01 15.42 -4.63
C GLN A 95 14.63 15.47 -6.13
N ARG A 96 14.95 14.37 -6.85
CA ARG A 96 14.72 14.18 -8.29
C ARG A 96 14.87 12.70 -8.71
N VAL A 97 14.61 12.39 -10.00
CA VAL A 97 14.74 11.05 -10.58
C VAL A 97 16.23 10.74 -10.72
N GLN A 98 16.65 9.59 -10.19
CA GLN A 98 18.04 9.15 -10.24
C GLN A 98 18.14 7.67 -10.60
N PRO A 99 19.26 7.22 -11.23
CA PRO A 99 19.39 5.77 -11.53
C PRO A 99 19.33 4.96 -10.23
N GLY A 100 18.47 3.95 -10.23
CA GLY A 100 18.23 3.09 -9.08
C GLY A 100 19.22 1.97 -8.88
N LYS A 101 19.30 1.47 -7.65
CA LYS A 101 20.16 0.38 -7.22
C LYS A 101 19.26 -0.73 -6.66
N LEU A 102 19.11 -1.82 -7.41
CA LEU A 102 18.27 -2.95 -7.01
C LEU A 102 19.01 -3.91 -6.08
N ARG A 103 18.40 -4.22 -4.92
CA ARG A 103 18.98 -5.13 -3.94
C ARG A 103 17.94 -6.17 -3.47
N VAL A 104 18.40 -7.34 -3.02
CA VAL A 104 17.53 -8.42 -2.56
C VAL A 104 17.84 -8.82 -1.11
N GLN A 105 16.80 -9.30 -0.40
CA GLN A 105 16.88 -9.79 0.97
C GLN A 105 15.78 -10.82 1.25
N CYS A 106 15.87 -11.50 2.40
CA CYS A 106 14.87 -12.47 2.82
C CYS A 106 13.67 -11.69 3.37
N SER A 107 12.45 -12.03 2.91
CA SER A 107 11.22 -11.35 3.36
C SER A 107 10.87 -11.57 4.84
N THR A 108 11.48 -12.60 5.45
CA THR A 108 11.25 -12.97 6.86
C THR A 108 12.21 -12.26 7.82
N CYS A 109 13.53 -12.51 7.70
CA CYS A 109 14.57 -11.96 8.59
C CYS A 109 15.16 -10.62 8.13
N ARG A 110 14.87 -10.19 6.88
CA ARG A 110 15.32 -8.94 6.25
C ARG A 110 16.85 -8.84 6.11
N GLN A 111 17.52 -10.00 5.98
CA GLN A 111 18.98 -10.10 5.81
C GLN A 111 19.32 -10.41 4.35
N ALA A 112 20.53 -10.02 3.91
CA ALA A 112 21.03 -10.31 2.56
C ALA A 112 21.64 -11.72 2.57
N THR A 113 20.84 -12.70 3.02
CA THR A 113 21.20 -14.11 3.19
C THR A 113 20.37 -15.05 2.32
N LEU A 114 19.32 -14.53 1.66
CA LEU A 114 18.47 -15.34 0.81
C LEU A 114 19.13 -15.60 -0.54
N THR A 115 19.30 -16.89 -0.88
CA THR A 115 19.89 -17.34 -2.13
C THR A 115 18.73 -17.66 -3.07
N LEU A 116 18.57 -16.87 -4.13
CA LEU A 116 17.50 -16.99 -5.12
C LEU A 116 17.62 -18.27 -5.96
N THR A 117 16.46 -18.85 -6.31
CA THR A 117 16.35 -20.05 -7.15
C THR A 117 16.78 -19.68 -8.58
N GLN A 118 16.38 -18.46 -9.01
CA GLN A 118 16.70 -17.86 -10.30
C GLN A 118 16.69 -16.33 -10.17
N GLY A 119 17.48 -15.66 -11.01
CA GLY A 119 17.57 -14.20 -11.02
C GLY A 119 16.35 -13.53 -11.62
N PRO A 120 16.01 -12.28 -11.18
CA PRO A 120 14.85 -11.60 -11.76
C PRO A 120 15.03 -11.25 -13.25
N SER A 121 13.95 -11.34 -14.03
CA SER A 121 13.97 -11.09 -15.47
C SER A 121 13.03 -9.97 -15.93
N CYS A 122 12.04 -9.61 -15.09
CA CYS A 122 11.03 -8.60 -15.39
C CYS A 122 10.66 -7.76 -14.15
N TRP A 123 9.85 -6.71 -14.34
CA TRP A 123 9.37 -5.83 -13.27
C TRP A 123 8.50 -6.55 -12.24
N ASP A 124 7.62 -7.47 -12.70
CA ASP A 124 6.73 -8.25 -11.85
C ASP A 124 7.48 -9.03 -10.78
N ASP A 125 8.63 -9.62 -11.15
CA ASP A 125 9.53 -10.38 -10.27
C ASP A 125 10.06 -9.56 -9.10
N VAL A 126 10.25 -8.24 -9.28
CA VAL A 126 10.78 -7.36 -8.23
C VAL A 126 9.69 -6.48 -7.57
N LEU A 127 8.50 -6.36 -8.19
CA LEU A 127 7.40 -5.53 -7.67
C LEU A 127 6.34 -6.30 -6.90
N ILE A 128 5.88 -7.45 -7.43
CA ILE A 128 4.84 -8.27 -6.81
C ILE A 128 5.40 -8.95 -5.54
N PRO A 129 4.77 -8.73 -4.36
CA PRO A 129 5.27 -9.38 -3.13
C PRO A 129 5.15 -10.89 -3.16
N ASN A 130 6.21 -11.59 -2.70
CA ASN A 130 6.33 -13.04 -2.61
C ASN A 130 6.27 -13.78 -3.97
N ARG A 131 6.66 -13.09 -5.06
CA ARG A 131 6.66 -13.65 -6.42
C ARG A 131 7.85 -14.59 -6.63
N MET A 132 9.06 -14.16 -6.25
CA MET A 132 10.30 -14.92 -6.41
C MET A 132 10.64 -15.77 -5.18
N SER A 133 11.05 -17.02 -5.42
CA SER A 133 11.42 -17.97 -4.37
C SER A 133 12.94 -18.12 -4.20
N GLY A 134 13.33 -18.71 -3.07
CA GLY A 134 14.72 -18.98 -2.71
C GLY A 134 14.83 -19.67 -1.37
N GLU A 135 16.05 -19.71 -0.82
CA GLU A 135 16.29 -20.29 0.50
C GLU A 135 17.27 -19.45 1.32
N CYS A 136 16.86 -19.11 2.55
CA CYS A 136 17.64 -18.28 3.46
C CYS A 136 18.79 -19.08 4.06
N GLN A 137 20.00 -18.48 4.08
CA GLN A 137 21.21 -19.09 4.62
C GLN A 137 21.40 -18.82 6.13
N SER A 138 20.61 -17.89 6.70
CA SER A 138 20.66 -17.54 8.13
C SER A 138 20.17 -18.72 8.98
N PRO A 139 20.83 -19.01 10.13
CA PRO A 139 20.40 -20.17 10.94
C PRO A 139 18.99 -20.10 11.47
N HIS A 140 18.22 -21.19 11.22
CA HIS A 140 16.84 -21.44 11.64
C HIS A 140 15.85 -20.36 11.18
N CYS A 141 15.94 -19.95 9.91
CA CYS A 141 15.02 -19.00 9.29
C CYS A 141 14.10 -19.75 8.32
N PRO A 142 12.75 -19.66 8.49
CA PRO A 142 11.86 -20.40 7.57
C PRO A 142 11.67 -19.71 6.21
N GLY A 143 12.30 -18.54 6.05
CA GLY A 143 12.26 -17.70 4.86
C GLY A 143 12.56 -18.42 3.57
N THR A 144 11.60 -18.36 2.63
CA THR A 144 11.68 -18.98 1.31
C THR A 144 11.30 -17.98 0.20
N SER A 145 10.84 -16.78 0.60
CA SER A 145 10.40 -15.71 -0.29
C SER A 145 11.38 -14.54 -0.35
N ALA A 146 11.60 -14.01 -1.57
CA ALA A 146 12.48 -12.88 -1.81
C ALA A 146 11.77 -11.54 -1.67
N GLU A 147 12.47 -10.57 -1.08
CA GLU A 147 11.98 -9.20 -0.92
C GLU A 147 13.00 -8.28 -1.58
N PHE A 148 12.58 -7.69 -2.71
CA PHE A 148 13.42 -6.77 -3.48
C PHE A 148 13.15 -5.34 -3.06
N PHE A 149 14.22 -4.53 -3.01
CA PHE A 149 14.14 -3.12 -2.66
C PHE A 149 15.08 -2.30 -3.52
N PHE A 150 14.69 -1.03 -3.74
CA PHE A 150 15.44 -0.09 -4.57
C PHE A 150 15.98 1.06 -3.74
N LYS A 151 17.19 1.52 -4.09
CA LYS A 151 17.88 2.63 -3.42
C LYS A 151 18.41 3.58 -4.50
N CYS A 152 18.86 4.78 -4.10
CA CYS A 152 19.45 5.74 -5.03
C CYS A 152 20.89 5.33 -5.34
N GLY A 153 21.27 5.38 -6.61
CA GLY A 153 22.60 5.00 -7.06
C GLY A 153 23.57 6.13 -7.28
N ALA A 154 23.10 7.39 -7.13
CA ALA A 154 23.91 8.59 -7.33
C ALA A 154 24.84 8.94 -6.16
N HIS A 155 24.61 8.33 -4.98
CA HIS A 155 25.38 8.56 -3.76
C HIS A 155 25.30 7.34 -2.84
N PRO A 156 26.19 7.18 -1.82
CA PRO A 156 26.07 6.02 -0.91
C PRO A 156 24.77 6.07 -0.10
N THR A 157 24.18 4.90 0.16
CA THR A 157 22.93 4.77 0.93
C THR A 157 23.08 3.61 1.90
N SER A 158 22.44 3.72 3.08
CA SER A 158 22.44 2.64 4.06
C SER A 158 21.49 1.54 3.59
N ASP A 159 21.60 0.33 4.16
CA ASP A 159 20.75 -0.82 3.83
C ASP A 159 19.25 -0.51 4.01
N LYS A 160 18.93 0.40 4.95
CA LYS A 160 17.60 0.89 5.30
C LYS A 160 17.09 1.98 4.37
N GLU A 161 18.00 2.82 3.84
CA GLU A 161 17.71 3.97 2.97
C GLU A 161 17.14 3.60 1.60
N THR A 162 15.84 3.24 1.57
CA THR A 162 15.14 2.84 0.35
C THR A 162 14.47 4.01 -0.38
N SER A 163 14.33 3.89 -1.70
CA SER A 163 13.65 4.85 -2.56
C SER A 163 12.61 4.13 -3.41
N VAL A 164 11.49 4.81 -3.69
CA VAL A 164 10.38 4.25 -4.46
C VAL A 164 10.78 4.10 -5.93
N ALA A 165 10.58 2.88 -6.47
CA ALA A 165 10.88 2.54 -7.86
C ALA A 165 9.81 3.11 -8.79
N LEU A 166 10.26 3.67 -9.91
CA LEU A 166 9.37 4.26 -10.92
C LEU A 166 9.41 3.38 -12.17
N HIS A 167 8.60 2.30 -12.18
CA HIS A 167 8.55 1.29 -13.24
C HIS A 167 8.11 1.82 -14.62
N LEU A 168 7.44 2.99 -14.69
CA LEU A 168 7.03 3.57 -15.98
C LEU A 168 8.22 4.23 -16.68
N ILE A 169 9.19 4.72 -15.91
CA ILE A 169 10.40 5.39 -16.40
C ILE A 169 11.42 4.37 -16.89
N ALA A 170 12.06 4.64 -18.04
CA ALA A 170 13.05 3.75 -18.66
C ALA A 170 14.13 4.51 -19.41
N THR A 171 15.31 3.86 -19.59
CA THR A 171 16.44 4.40 -20.35
C THR A 171 16.06 4.28 -21.82
N ASN A 172 16.19 5.36 -22.59
CA ASN A 172 15.83 5.34 -24.01
C ASN A 172 16.95 4.79 -24.90
N SER A 173 17.19 3.47 -24.77
CA SER A 173 18.19 2.74 -25.55
C SER A 173 17.67 2.45 -26.97
N ARG A 174 16.33 2.51 -27.14
CA ARG A 174 15.61 2.25 -28.38
C ARG A 174 15.54 3.52 -29.27
N ASN A 175 15.99 4.68 -28.73
CA ASN A 175 16.04 6.00 -29.36
C ASN A 175 14.65 6.51 -29.83
N ILE A 176 13.61 6.23 -29.02
CA ILE A 176 12.22 6.61 -29.30
C ILE A 176 12.03 8.12 -29.04
N THR A 177 11.40 8.82 -30.00
CA THR A 177 11.09 10.24 -29.91
C THR A 177 9.94 10.49 -28.94
N CYS A 178 9.93 11.66 -28.27
CA CYS A 178 8.88 12.06 -27.33
C CYS A 178 7.59 12.38 -28.10
N ILE A 179 6.42 12.08 -27.50
CA ILE A 179 5.11 12.28 -28.12
C ILE A 179 4.73 13.77 -28.31
N THR A 180 5.18 14.64 -27.37
CA THR A 180 4.86 16.08 -27.37
CA THR A 180 4.85 16.07 -27.39
C THR A 180 5.94 16.96 -28.01
N CYS A 181 7.23 16.68 -27.74
CA CYS A 181 8.32 17.52 -28.29
C CYS A 181 9.09 16.90 -29.48
N THR A 182 8.91 15.59 -29.77
CA THR A 182 9.56 14.80 -30.84
C THR A 182 11.08 14.66 -30.67
N ASP A 183 11.62 15.12 -29.53
CA ASP A 183 13.05 15.04 -29.25
C ASP A 183 13.43 13.70 -28.62
N VAL A 184 14.62 13.19 -28.95
CA VAL A 184 15.12 11.93 -28.41
C VAL A 184 15.80 12.25 -27.08
N ARG A 185 15.14 11.88 -25.97
CA ARG A 185 15.62 12.15 -24.61
C ARG A 185 15.72 10.88 -23.78
N SER A 186 16.54 10.91 -22.71
CA SER A 186 16.71 9.80 -21.78
C SER A 186 16.93 10.32 -20.36
N PRO A 187 16.17 9.84 -19.34
CA PRO A 187 15.14 8.80 -19.40
C PRO A 187 13.77 9.27 -19.91
N VAL A 188 12.86 8.31 -20.16
CA VAL A 188 11.50 8.58 -20.65
C VAL A 188 10.46 7.83 -19.84
N LEU A 189 9.27 8.43 -19.65
CA LEU A 189 8.14 7.81 -18.97
C LEU A 189 7.28 7.14 -20.05
N VAL A 190 6.94 5.86 -19.84
CA VAL A 190 6.13 5.08 -20.78
C VAL A 190 4.73 4.88 -20.19
N PHE A 191 3.70 5.46 -20.84
CA PHE A 191 2.30 5.34 -20.44
C PHE A 191 1.81 3.90 -20.68
N GLN A 192 0.87 3.42 -19.84
CA GLN A 192 0.35 2.06 -19.92
C GLN A 192 -0.84 1.92 -20.91
N CYS A 193 -0.82 2.72 -21.98
CA CYS A 193 -1.80 2.68 -23.06
C CYS A 193 -1.41 1.54 -24.02
N ASN A 194 -2.36 1.10 -24.88
CA ASN A 194 -2.13 0.02 -25.86
C ASN A 194 -0.94 0.33 -26.79
N SER A 195 -0.81 1.62 -27.20
CA SER A 195 0.27 2.10 -28.06
C SER A 195 1.62 2.28 -27.33
N ARG A 196 1.61 2.32 -25.98
CA ARG A 196 2.78 2.52 -25.10
C ARG A 196 3.54 3.80 -25.47
N HIS A 197 2.85 4.95 -25.36
CA HIS A 197 3.39 6.26 -25.72
C HIS A 197 4.50 6.73 -24.79
N VAL A 198 5.61 7.18 -25.40
CA VAL A 198 6.84 7.65 -24.76
C VAL A 198 6.81 9.17 -24.60
N ILE A 199 7.08 9.64 -23.38
CA ILE A 199 7.14 11.06 -23.05
C ILE A 199 8.42 11.36 -22.24
N CYS A 200 9.13 12.45 -22.56
CA CYS A 200 10.33 12.81 -21.79
C CYS A 200 9.93 13.40 -20.45
N LEU A 201 10.84 13.35 -19.45
CA LEU A 201 10.56 13.84 -18.09
C LEU A 201 10.27 15.35 -18.03
N ASP A 202 10.82 16.13 -18.99
CA ASP A 202 10.58 17.57 -19.10
C ASP A 202 9.13 17.82 -19.52
N CYS A 203 8.67 17.15 -20.59
CA CYS A 203 7.31 17.25 -21.12
C CYS A 203 6.27 16.76 -20.13
N PHE A 204 6.58 15.66 -19.41
CA PHE A 204 5.71 15.08 -18.39
C PHE A 204 5.47 16.07 -17.26
N HIS A 205 6.52 16.82 -16.86
CA HIS A 205 6.43 17.87 -15.84
C HIS A 205 5.50 18.98 -16.31
N LEU A 206 5.69 19.46 -17.56
CA LEU A 206 4.87 20.52 -18.17
C LEU A 206 3.41 20.07 -18.27
N TYR A 207 3.18 18.79 -18.62
CA TYR A 207 1.88 18.16 -18.73
C TYR A 207 1.13 18.14 -17.39
N CYS A 208 1.81 17.70 -16.32
CA CYS A 208 1.25 17.61 -14.97
C CYS A 208 0.95 18.95 -14.33
N VAL A 209 1.87 19.93 -14.45
CA VAL A 209 1.72 21.27 -13.87
C VAL A 209 0.56 22.03 -14.54
N THR A 210 0.50 22.03 -15.88
CA THR A 210 -0.57 22.69 -16.65
C THR A 210 -1.94 22.08 -16.34
N ARG A 211 -2.01 20.76 -16.15
CA ARG A 211 -3.25 20.06 -15.83
C ARG A 211 -3.67 20.28 -14.36
N LEU A 212 -2.70 20.64 -13.47
CA LEU A 212 -2.99 20.99 -12.09
C LEU A 212 -3.60 22.40 -12.07
N ASN A 213 -3.10 23.29 -12.95
CA ASN A 213 -3.56 24.67 -13.12
C ASN A 213 -4.92 24.70 -13.84
N ASP A 214 -5.13 23.82 -14.83
CA ASP A 214 -6.39 23.71 -15.58
C ASP A 214 -7.43 22.89 -14.82
N ARG A 215 -6.99 22.19 -13.75
CA ARG A 215 -7.80 21.30 -12.90
C ARG A 215 -8.46 20.20 -13.75
N GLN A 216 -7.64 19.58 -14.63
CA GLN A 216 -8.06 18.53 -15.56
C GLN A 216 -7.48 17.15 -15.20
N PHE A 217 -7.37 16.86 -13.89
CA PHE A 217 -6.91 15.57 -13.39
C PHE A 217 -8.13 14.64 -13.33
N VAL A 218 -8.02 13.47 -13.97
CA VAL A 218 -9.10 12.48 -14.05
C VAL A 218 -9.25 11.72 -12.73
N HIS A 219 -10.49 11.63 -12.21
CA HIS A 219 -10.80 10.93 -10.98
C HIS A 219 -11.28 9.49 -11.24
N ASP A 220 -10.66 8.53 -10.55
CA ASP A 220 -11.00 7.11 -10.61
C ASP A 220 -11.46 6.69 -9.20
N PRO A 221 -12.66 6.06 -9.07
CA PRO A 221 -13.16 5.70 -7.72
C PRO A 221 -12.27 4.76 -6.90
N GLN A 222 -11.62 3.78 -7.56
CA GLN A 222 -10.76 2.80 -6.88
C GLN A 222 -9.25 3.09 -7.03
N LEU A 223 -8.89 4.38 -7.24
CA LEU A 223 -7.50 4.81 -7.41
C LEU A 223 -7.25 6.22 -6.87
N GLY A 224 -8.15 7.15 -7.18
CA GLY A 224 -8.06 8.54 -6.77
C GLY A 224 -7.90 9.49 -7.95
N TYR A 225 -7.14 10.57 -7.76
CA TYR A 225 -6.89 11.56 -8.82
C TYR A 225 -5.57 11.29 -9.52
N SER A 226 -5.61 11.13 -10.86
CA SER A 226 -4.43 10.85 -11.69
C SER A 226 -4.60 11.38 -13.12
N LEU A 227 -3.55 11.25 -13.94
CA LEU A 227 -3.57 11.68 -15.34
C LEU A 227 -3.41 10.49 -16.30
N PRO A 228 -4.12 10.48 -17.45
CA PRO A 228 -3.93 9.38 -18.40
C PRO A 228 -2.79 9.70 -19.36
N CYS A 229 -2.74 9.02 -20.53
CA CYS A 229 -1.77 9.30 -21.58
C CYS A 229 -2.14 10.66 -22.19
N VAL A 230 -1.13 11.51 -22.46
CA VAL A 230 -1.28 12.86 -23.04
C VAL A 230 -2.09 12.83 -24.37
N ALA A 231 -2.08 11.69 -25.08
CA ALA A 231 -2.81 11.46 -26.33
C ALA A 231 -4.32 11.27 -26.10
N GLY A 232 -4.71 11.08 -24.83
CA GLY A 232 -6.10 10.86 -24.43
C GLY A 232 -6.55 9.42 -24.63
N CYS A 233 -5.58 8.49 -24.57
CA CYS A 233 -5.78 7.04 -24.76
C CYS A 233 -6.65 6.42 -23.67
N PRO A 234 -7.53 5.45 -24.01
CA PRO A 234 -8.36 4.81 -22.98
C PRO A 234 -7.56 3.81 -22.15
N ASN A 235 -7.95 3.65 -20.86
CA ASN A 235 -7.32 2.75 -19.88
C ASN A 235 -5.80 2.97 -19.81
N SER A 236 -5.38 4.25 -19.60
CA SER A 236 -3.98 4.66 -19.55
C SER A 236 -3.64 5.52 -18.32
N LEU A 237 -4.52 5.52 -17.29
CA LEU A 237 -4.30 6.27 -16.07
C LEU A 237 -3.15 5.68 -15.26
N ILE A 238 -2.28 6.56 -14.73
CA ILE A 238 -1.13 6.18 -13.92
C ILE A 238 -1.62 5.57 -12.60
N LYS A 239 -1.42 4.24 -12.46
CA LYS A 239 -1.84 3.47 -11.29
C LYS A 239 -0.91 3.75 -10.11
N GLU A 240 0.41 3.69 -10.34
CA GLU A 240 1.43 3.95 -9.33
C GLU A 240 1.54 5.46 -9.15
N LEU A 241 0.72 6.01 -8.21
CA LEU A 241 0.61 7.44 -7.90
C LEU A 241 1.91 8.09 -7.41
N HIS A 242 2.93 7.28 -7.03
CA HIS A 242 4.24 7.78 -6.60
C HIS A 242 5.03 8.41 -7.76
N HIS A 243 4.55 8.23 -9.01
CA HIS A 243 5.15 8.80 -10.22
C HIS A 243 4.98 10.32 -10.29
N PHE A 244 4.04 10.88 -9.51
CA PHE A 244 3.78 12.32 -9.44
C PHE A 244 4.74 13.05 -8.48
N ARG A 245 5.61 12.29 -7.78
CA ARG A 245 6.61 12.86 -6.86
C ARG A 245 7.79 13.45 -7.64
N ILE A 246 7.99 12.98 -8.90
CA ILE A 246 9.08 13.40 -9.79
CA ILE A 246 9.09 13.40 -9.78
C ILE A 246 9.00 14.90 -10.15
N LEU A 247 7.82 15.51 -9.92
CA LEU A 247 7.53 16.93 -10.20
C LEU A 247 8.19 17.87 -9.18
N GLY A 248 8.73 17.29 -8.09
CA GLY A 248 9.37 18.03 -7.02
C GLY A 248 8.43 18.20 -5.84
N GLU A 249 8.99 18.59 -4.68
CA GLU A 249 8.26 18.80 -3.42
C GLU A 249 7.08 19.76 -3.54
N GLU A 250 7.29 20.95 -4.14
CA GLU A 250 6.28 22.00 -4.31
C GLU A 250 5.08 21.55 -5.17
N GLN A 251 5.36 20.95 -6.35
CA GLN A 251 4.31 20.49 -7.28
C GLN A 251 3.60 19.22 -6.79
N TYR A 252 4.31 18.32 -6.07
CA TYR A 252 3.69 17.10 -5.54
C TYR A 252 2.76 17.42 -4.37
N ASN A 253 3.07 18.49 -3.59
CA ASN A 253 2.24 18.96 -2.48
C ASN A 253 0.92 19.51 -3.01
N ARG A 254 0.95 20.16 -4.18
CA ARG A 254 -0.22 20.70 -4.89
C ARG A 254 -1.13 19.55 -5.31
N TYR A 255 -0.52 18.45 -5.81
CA TYR A 255 -1.18 17.22 -6.25
C TYR A 255 -1.86 16.52 -5.06
N GLN A 256 -1.18 16.49 -3.90
CA GLN A 256 -1.70 15.84 -2.69
C GLN A 256 -2.94 16.56 -2.14
N GLN A 257 -2.99 17.90 -2.28
CA GLN A 257 -4.10 18.74 -1.81
C GLN A 257 -5.26 18.80 -2.81
N TYR A 258 -5.05 18.29 -4.06
CA TYR A 258 -6.04 18.29 -5.15
C TYR A 258 -7.39 17.70 -4.75
N GLY A 259 -7.35 16.59 -4.01
CA GLY A 259 -8.53 15.88 -3.52
C GLY A 259 -9.37 16.71 -2.58
N ALA A 260 -8.70 17.39 -1.62
CA ALA A 260 -9.34 18.26 -0.62
C ALA A 260 -9.91 19.53 -1.28
N GLU A 261 -9.21 20.05 -2.30
CA GLU A 261 -9.61 21.25 -3.07
C GLU A 261 -10.87 20.97 -3.88
N GLU A 262 -10.99 19.76 -4.47
CA GLU A 262 -12.12 19.34 -5.29
C GLU A 262 -13.41 19.20 -4.48
N CYS A 263 -13.29 18.77 -3.19
CA CYS A 263 -14.43 18.62 -2.27
C CYS A 263 -15.07 19.98 -1.95
N VAL A 264 -14.22 21.01 -1.78
CA VAL A 264 -14.63 22.39 -1.48
C VAL A 264 -15.41 22.99 -2.66
N LEU A 265 -14.90 22.80 -3.90
CA LEU A 265 -15.53 23.30 -5.13
C LEU A 265 -16.85 22.57 -5.43
N GLN A 266 -16.94 21.28 -5.06
CA GLN A 266 -18.13 20.44 -5.25
C GLN A 266 -19.29 20.95 -4.37
N MET A 267 -18.98 21.39 -3.14
CA MET A 267 -19.93 21.94 -2.17
C MET A 267 -20.46 23.30 -2.61
N GLY A 268 -19.60 24.08 -3.27
CA GLY A 268 -19.93 25.41 -3.78
C GLY A 268 -18.96 26.50 -3.34
N GLY A 269 -17.79 26.08 -2.86
CA GLY A 269 -16.74 26.98 -2.38
C GLY A 269 -15.84 27.51 -3.48
N VAL A 270 -14.77 28.22 -3.07
CA VAL A 270 -13.78 28.84 -3.96
C VAL A 270 -12.34 28.62 -3.42
N LEU A 271 -11.35 28.64 -4.31
CA LEU A 271 -9.94 28.47 -3.94
C LEU A 271 -9.20 29.81 -3.97
N CYS A 272 -8.10 29.91 -3.19
CA CYS A 272 -7.27 31.12 -3.12
C CYS A 272 -6.58 31.38 -4.46
N PRO A 273 -6.76 32.57 -5.07
CA PRO A 273 -6.16 32.84 -6.38
C PRO A 273 -4.65 33.11 -6.38
N ARG A 274 -4.10 33.52 -5.21
CA ARG A 274 -2.67 33.84 -5.05
C ARG A 274 -1.77 32.61 -5.31
N PRO A 275 -0.66 32.77 -6.09
CA PRO A 275 0.21 31.61 -6.37
C PRO A 275 0.89 31.05 -5.12
N GLY A 276 0.91 29.72 -5.02
CA GLY A 276 1.49 29.02 -3.89
C GLY A 276 0.45 28.61 -2.87
N CYS A 277 -0.57 29.45 -2.66
CA CYS A 277 -1.67 29.23 -1.72
C CYS A 277 -2.93 28.76 -2.46
N GLY A 278 -3.34 27.52 -2.20
CA GLY A 278 -4.53 26.92 -2.81
C GLY A 278 -5.49 26.42 -1.76
N ALA A 279 -5.79 27.26 -0.76
CA ALA A 279 -6.66 26.95 0.36
C ALA A 279 -8.13 26.83 -0.03
N GLY A 280 -8.76 25.75 0.45
CA GLY A 280 -10.17 25.47 0.21
C GLY A 280 -11.06 26.32 1.08
N LEU A 281 -11.41 27.51 0.57
CA LEU A 281 -12.24 28.51 1.26
C LEU A 281 -13.73 28.24 1.06
N LEU A 282 -14.49 28.26 2.17
CA LEU A 282 -15.93 28.03 2.16
C LEU A 282 -16.67 29.28 2.67
N PRO A 283 -16.95 30.27 1.80
CA PRO A 283 -17.64 31.49 2.26
C PRO A 283 -19.17 31.36 2.21
N GLU A 284 -19.89 32.48 2.45
CA GLU A 284 -21.35 32.55 2.42
C GLU A 284 -21.88 32.32 0.98
N PRO A 285 -23.12 31.82 0.78
CA PRO A 285 -23.61 31.55 -0.59
C PRO A 285 -23.61 32.75 -1.56
N ASP A 286 -23.92 33.97 -1.06
CA ASP A 286 -23.97 35.17 -1.89
C ASP A 286 -23.03 36.29 -1.39
N GLN A 287 -21.79 35.92 -0.99
CA GLN A 287 -20.78 36.86 -0.52
C GLN A 287 -19.69 37.04 -1.58
N ARG A 288 -19.43 38.31 -1.96
CA ARG A 288 -18.43 38.67 -2.97
C ARG A 288 -17.04 38.81 -2.36
N LYS A 289 -16.94 39.40 -1.15
CA LYS A 289 -15.68 39.59 -0.45
C LYS A 289 -15.26 38.26 0.22
N VAL A 290 -14.14 37.69 -0.22
CA VAL A 290 -13.59 36.43 0.28
C VAL A 290 -12.15 36.67 0.78
N THR A 291 -11.83 36.18 1.99
CA THR A 291 -10.50 36.33 2.59
C THR A 291 -9.94 34.99 3.06
N CYS A 292 -8.64 34.76 2.82
CA CYS A 292 -7.93 33.53 3.19
C CYS A 292 -7.48 33.59 4.67
N GLU A 293 -8.30 32.99 5.57
CA GLU A 293 -8.05 32.95 7.01
C GLU A 293 -7.97 31.52 7.53
N GLY A 295 -10.38 26.40 10.27
CA GLY A 295 -9.09 26.02 9.74
C GLY A 295 -8.10 27.17 9.72
N ASN A 296 -6.94 26.98 10.38
CA ASN A 296 -5.87 27.97 10.46
C ASN A 296 -5.10 28.11 9.15
N GLY A 301 -3.35 35.23 3.07
CA GLY A 301 -4.02 36.22 3.90
C GLY A 301 -4.34 37.51 3.17
N PHE A 302 -5.13 37.42 2.07
CA PHE A 302 -5.50 38.59 1.27
C PHE A 302 -6.97 38.55 0.83
N ALA A 303 -7.63 39.73 0.84
CA ALA A 303 -9.04 39.89 0.45
C ALA A 303 -9.17 39.95 -1.07
N PHE A 304 -10.09 39.14 -1.63
CA PHE A 304 -10.34 39.04 -3.07
C PHE A 304 -11.82 38.95 -3.44
N CYS A 305 -12.15 39.38 -4.67
CA CYS A 305 -13.50 39.31 -5.24
C CYS A 305 -13.74 37.86 -5.70
N ARG A 306 -14.97 37.35 -5.49
CA ARG A 306 -15.32 35.98 -5.87
C ARG A 306 -15.47 35.80 -7.39
N GLU A 307 -16.00 36.82 -8.09
CA GLU A 307 -16.25 36.77 -9.53
C GLU A 307 -14.98 36.84 -10.38
N CYS A 308 -14.22 37.95 -10.32
CA CYS A 308 -13.01 38.15 -11.13
C CYS A 308 -11.75 37.47 -10.53
N LYS A 309 -11.79 37.08 -9.24
CA LYS A 309 -10.72 36.44 -8.47
C LYS A 309 -9.47 37.35 -8.29
N GLU A 310 -9.64 38.67 -8.49
CA GLU A 310 -8.57 39.66 -8.30
C GLU A 310 -8.80 40.35 -6.95
N ALA A 311 -7.88 41.26 -6.53
CA ALA A 311 -7.97 42.00 -5.26
C ALA A 311 -9.34 42.67 -5.13
N TYR A 312 -9.98 42.54 -3.94
CA TYR A 312 -11.32 43.08 -3.68
C TYR A 312 -11.46 44.57 -3.99
N HIS A 313 -12.49 44.90 -4.76
CA HIS A 313 -12.85 46.24 -5.22
C HIS A 313 -14.38 46.42 -5.15
N GLU A 314 -14.88 47.60 -5.55
CA GLU A 314 -16.30 47.90 -5.58
C GLU A 314 -16.82 48.14 -6.99
N GLY A 315 -18.13 48.06 -7.16
CA GLY A 315 -18.81 48.25 -8.44
C GLY A 315 -18.65 47.07 -9.37
N GLU A 316 -18.57 47.35 -10.69
CA GLU A 316 -18.44 46.34 -11.73
C GLU A 316 -17.05 45.68 -11.77
N CYS A 317 -17.01 44.40 -12.19
CA CYS A 317 -15.76 43.65 -12.36
C CYS A 317 -15.09 44.14 -13.65
N SER A 318 -13.75 44.05 -13.72
CA SER A 318 -12.95 44.46 -14.87
C SER A 318 -13.46 43.79 -16.16
N ALA A 319 -13.67 44.60 -17.24
CA ALA A 319 -14.18 44.15 -18.54
C ALA A 319 -13.49 42.90 -19.10
N VAL A 320 -12.19 42.74 -18.78
CA VAL A 320 -11.38 41.59 -19.20
C VAL A 320 -11.33 40.54 -18.03
N PHE A 321 -12.45 39.81 -17.86
CA PHE A 321 -12.63 38.79 -16.82
C PHE A 321 -13.11 37.45 -17.40
N GLU A 322 -12.58 36.33 -16.87
CA GLU A 322 -12.94 34.98 -17.30
C GLU A 322 -14.17 34.47 -16.53
N TYR A 331 -6.87 20.52 -26.61
CA TYR A 331 -5.55 20.04 -27.03
C TYR A 331 -5.64 18.73 -27.82
N ARG A 332 -4.85 18.64 -28.90
CA ARG A 332 -4.77 17.47 -29.78
C ARG A 332 -3.30 17.18 -30.14
N VAL A 333 -2.87 15.92 -29.93
CA VAL A 333 -1.51 15.46 -30.23
C VAL A 333 -1.31 15.29 -31.74
N ASP A 334 -0.05 15.45 -32.21
CA ASP A 334 0.30 15.26 -33.62
C ASP A 334 0.29 13.76 -33.92
N GLU A 335 -0.51 13.36 -34.93
CA GLU A 335 -0.72 11.98 -35.37
C GLU A 335 0.59 11.24 -35.69
N ARG A 336 1.52 11.89 -36.40
CA ARG A 336 2.82 11.31 -36.77
C ARG A 336 3.75 11.20 -35.55
N ALA A 337 3.66 12.18 -34.62
CA ALA A 337 4.46 12.21 -33.40
C ALA A 337 4.02 11.09 -32.45
N ALA A 338 2.70 10.82 -32.36
CA ALA A 338 2.11 9.78 -31.54
C ALA A 338 2.48 8.38 -32.06
N GLU A 339 2.58 8.23 -33.40
CA GLU A 339 2.97 6.98 -34.05
C GLU A 339 4.45 6.67 -33.83
N GLN A 340 5.30 7.72 -33.89
CA GLN A 340 6.75 7.62 -33.69
C GLN A 340 7.15 7.36 -32.23
N ALA A 341 6.28 7.76 -31.28
CA ALA A 341 6.50 7.64 -29.84
C ALA A 341 6.10 6.28 -29.23
N ARG A 342 5.90 5.25 -30.06
CA ARG A 342 5.53 3.91 -29.59
C ARG A 342 6.77 3.14 -29.12
N TRP A 343 6.80 2.78 -27.82
CA TRP A 343 7.90 2.07 -27.15
C TRP A 343 8.15 0.65 -27.70
N GLU A 344 7.08 -0.11 -27.96
CA GLU A 344 7.16 -1.48 -28.46
C GLU A 344 6.87 -1.63 -29.96
N ALA A 345 6.05 -0.71 -30.52
CA ALA A 345 5.66 -0.71 -31.93
C ALA A 345 6.37 0.40 -32.69
N THR A 354 21.96 -12.20 -30.03
CA THR A 354 21.56 -13.56 -30.38
C THR A 354 22.34 -14.59 -29.56
N THR A 355 23.70 -14.47 -29.56
CA THR A 355 24.65 -15.32 -28.84
C THR A 355 25.92 -14.53 -28.51
N LYS A 356 26.48 -14.75 -27.31
CA LYS A 356 27.70 -14.07 -26.86
C LYS A 356 28.72 -15.07 -26.30
N PRO A 357 30.02 -14.94 -26.63
CA PRO A 357 31.01 -15.88 -26.08
C PRO A 357 31.37 -15.59 -24.63
N CYS A 358 31.79 -16.63 -23.89
CA CYS A 358 32.21 -16.54 -22.49
C CYS A 358 33.48 -15.67 -22.37
N PRO A 359 33.55 -14.70 -21.43
CA PRO A 359 34.76 -13.87 -21.32
C PRO A 359 36.04 -14.61 -20.90
N ARG A 360 35.91 -15.88 -20.47
CA ARG A 360 37.03 -16.73 -20.04
C ARG A 360 37.17 -17.99 -20.91
N CYS A 361 36.04 -18.68 -21.19
CA CYS A 361 35.99 -19.93 -21.97
C CYS A 361 35.93 -19.71 -23.49
N HIS A 362 35.32 -18.59 -23.94
CA HIS A 362 35.12 -18.17 -25.34
C HIS A 362 34.07 -19.04 -26.09
N VAL A 363 33.33 -19.89 -25.34
CA VAL A 363 32.27 -20.75 -25.86
C VAL A 363 30.95 -19.94 -25.86
N PRO A 364 30.20 -19.89 -26.99
CA PRO A 364 28.95 -19.10 -27.01
C PRO A 364 27.89 -19.60 -26.04
N VAL A 365 27.30 -18.67 -25.27
CA VAL A 365 26.26 -18.94 -24.26
C VAL A 365 24.93 -18.31 -24.70
N GLU A 366 23.83 -19.08 -24.61
CA GLU A 366 22.49 -18.60 -24.96
C GLU A 366 21.81 -17.88 -23.80
N LYS A 367 21.19 -16.72 -24.09
CA LYS A 367 20.49 -15.90 -23.10
C LYS A 367 19.05 -16.36 -22.91
N ASN A 368 18.65 -16.62 -21.66
CA ASN A 368 17.30 -17.03 -21.29
C ASN A 368 16.63 -15.93 -20.48
N GLY A 369 15.64 -15.28 -21.11
CA GLY A 369 14.88 -14.19 -20.51
C GLY A 369 15.63 -12.88 -20.44
N GLY A 370 15.12 -11.96 -19.63
CA GLY A 370 15.67 -10.63 -19.44
C GLY A 370 16.82 -10.51 -18.45
N CYS A 371 17.05 -11.57 -17.64
CA CYS A 371 18.11 -11.61 -16.62
C CYS A 371 19.51 -11.49 -17.22
N MET A 372 20.32 -10.56 -16.69
CA MET A 372 21.68 -10.29 -17.15
C MET A 372 22.74 -11.20 -16.51
N HIS A 373 22.37 -11.93 -15.43
CA HIS A 373 23.25 -12.86 -14.74
C HIS A 373 23.40 -14.12 -15.60
N MET A 374 24.58 -14.29 -16.20
CA MET A 374 24.91 -15.41 -17.07
C MET A 374 25.88 -16.37 -16.39
N LYS A 375 25.80 -17.66 -16.72
CA LYS A 375 26.70 -18.68 -16.19
C LYS A 375 27.10 -19.63 -17.31
N CYS A 376 28.41 -19.89 -17.43
CA CYS A 376 28.98 -20.76 -18.47
C CYS A 376 28.52 -22.22 -18.27
N PRO A 377 27.96 -22.87 -19.33
CA PRO A 377 27.49 -24.25 -19.16
C PRO A 377 28.60 -25.31 -19.10
N GLN A 378 29.84 -24.94 -19.47
CA GLN A 378 31.02 -25.82 -19.45
C GLN A 378 31.36 -26.23 -18.01
N PRO A 379 31.68 -27.52 -17.74
CA PRO A 379 31.94 -27.94 -16.35
C PRO A 379 33.23 -27.42 -15.72
N GLN A 380 34.22 -27.02 -16.54
CA GLN A 380 35.49 -26.51 -16.04
C GLN A 380 35.56 -24.99 -15.88
N CYS A 381 34.77 -24.24 -16.67
CA CYS A 381 34.75 -22.78 -16.56
C CYS A 381 33.78 -22.31 -15.48
N ARG A 382 32.46 -22.57 -15.67
CA ARG A 382 31.35 -22.22 -14.76
C ARG A 382 31.36 -20.74 -14.30
N LEU A 383 31.95 -19.85 -15.11
CA LEU A 383 32.07 -18.42 -14.81
C LEU A 383 30.72 -17.72 -14.81
N GLU A 384 30.45 -16.96 -13.74
CA GLU A 384 29.24 -16.16 -13.60
C GLU A 384 29.61 -14.77 -14.14
N TRP A 385 28.98 -14.35 -15.25
CA TRP A 385 29.30 -13.08 -15.92
C TRP A 385 28.07 -12.23 -16.29
N CYS A 386 28.30 -10.93 -16.55
CA CYS A 386 27.26 -10.00 -16.96
C CYS A 386 27.16 -9.97 -18.49
N TRP A 387 25.93 -10.13 -19.01
CA TRP A 387 25.61 -10.17 -20.43
C TRP A 387 26.03 -8.90 -21.19
N ASN A 388 25.75 -7.71 -20.61
CA ASN A 388 26.06 -6.42 -21.23
C ASN A 388 27.52 -6.00 -21.10
N CYS A 389 28.06 -6.03 -19.86
CA CYS A 389 29.42 -5.59 -19.56
C CYS A 389 30.52 -6.55 -20.00
N GLY A 390 30.22 -7.86 -20.02
CA GLY A 390 31.18 -8.90 -20.40
C GLY A 390 32.26 -9.12 -19.37
N CYS A 391 31.95 -8.81 -18.10
CA CYS A 391 32.84 -8.97 -16.95
C CYS A 391 32.24 -9.98 -15.98
N GLU A 392 33.03 -10.44 -14.99
CA GLU A 392 32.56 -11.37 -13.95
C GLU A 392 31.43 -10.70 -13.15
N TRP A 393 30.37 -11.47 -12.82
CA TRP A 393 29.20 -11.00 -12.09
C TRP A 393 29.56 -10.41 -10.73
N ASN A 394 29.05 -9.20 -10.46
CA ASN A 394 29.30 -8.43 -9.24
C ASN A 394 28.07 -7.66 -8.77
N ARG A 395 28.15 -7.05 -7.56
CA ARG A 395 27.10 -6.25 -6.94
C ARG A 395 26.74 -4.98 -7.71
N VAL A 396 27.71 -4.41 -8.47
CA VAL A 396 27.50 -3.20 -9.27
C VAL A 396 26.54 -3.50 -10.44
N CYS A 397 26.85 -4.55 -11.24
CA CYS A 397 26.01 -5.00 -12.36
C CYS A 397 24.64 -5.49 -11.87
N MET A 398 24.60 -6.10 -10.67
CA MET A 398 23.41 -6.60 -9.99
C MET A 398 22.46 -5.44 -9.64
N GLY A 399 22.99 -4.39 -9.03
CA GLY A 399 22.23 -3.21 -8.63
C GLY A 399 21.80 -2.33 -9.77
N ASP A 400 22.72 -2.08 -10.73
CA ASP A 400 22.52 -1.23 -11.89
C ASP A 400 21.63 -1.82 -12.99
N HIS A 401 21.88 -3.09 -13.37
CA HIS A 401 21.13 -3.75 -14.45
C HIS A 401 20.98 -5.26 -14.27
N TRP A 402 20.22 -5.68 -13.23
CA TRP A 402 19.98 -7.12 -12.97
C TRP A 402 19.23 -7.74 -14.15
N PHE A 403 18.23 -7.01 -14.69
CA PHE A 403 17.46 -7.43 -15.85
C PHE A 403 17.32 -6.32 -16.88
N ASP A 404 17.20 -6.70 -18.15
CA ASP A 404 17.05 -5.78 -19.29
C ASP A 404 15.66 -5.14 -19.29
N VAL A 405 15.61 -3.81 -19.51
CA VAL A 405 14.38 -3.00 -19.59
C VAL A 405 14.68 -1.69 -20.33
N MET B 1 -27.28 -42.10 11.77
CA MET B 1 -27.44 -40.69 11.37
C MET B 1 -26.16 -40.18 10.70
N ILE B 2 -26.31 -39.34 9.66
CA ILE B 2 -25.20 -38.78 8.90
C ILE B 2 -25.09 -37.26 9.07
N VAL B 3 -23.87 -36.77 9.32
CA VAL B 3 -23.51 -35.35 9.43
C VAL B 3 -22.34 -35.05 8.49
N PHE B 4 -22.30 -33.83 7.94
CA PHE B 4 -21.22 -33.42 7.05
C PHE B 4 -20.19 -32.60 7.80
N VAL B 5 -18.91 -33.03 7.70
CA VAL B 5 -17.80 -32.36 8.38
C VAL B 5 -16.99 -31.50 7.41
N ARG B 6 -16.98 -30.18 7.66
CA ARG B 6 -16.21 -29.22 6.88
C ARG B 6 -14.91 -28.93 7.61
N PHE B 7 -13.80 -29.48 7.09
CA PHE B 7 -12.46 -29.35 7.64
C PHE B 7 -11.52 -28.84 6.55
N ASN B 8 -11.21 -27.52 6.58
CA ASN B 8 -10.36 -26.80 5.63
C ASN B 8 -10.79 -26.99 4.16
N SER B 9 -12.13 -27.05 3.94
CA SER B 9 -12.76 -27.26 2.64
C SER B 9 -14.18 -26.71 2.60
N SER B 10 -14.65 -26.33 1.39
CA SER B 10 -16.01 -25.82 1.17
C SER B 10 -17.04 -26.96 1.13
N HIS B 11 -16.58 -28.21 0.95
CA HIS B 11 -17.41 -29.41 0.90
C HIS B 11 -17.28 -30.24 2.18
N GLY B 12 -18.42 -30.63 2.73
CA GLY B 12 -18.50 -31.46 3.93
C GLY B 12 -18.60 -32.92 3.61
N PHE B 13 -17.63 -33.72 4.12
CA PHE B 13 -17.61 -35.18 3.91
C PHE B 13 -18.55 -35.89 4.89
N PRO B 14 -19.25 -36.98 4.47
CA PRO B 14 -20.18 -37.65 5.39
C PRO B 14 -19.52 -38.48 6.49
N VAL B 15 -20.06 -38.39 7.73
CA VAL B 15 -19.62 -39.12 8.91
C VAL B 15 -20.85 -39.71 9.61
N GLU B 16 -20.82 -41.03 9.90
CA GLU B 16 -21.91 -41.73 10.58
C GLU B 16 -21.78 -41.61 12.09
N VAL B 17 -22.83 -41.08 12.74
CA VAL B 17 -22.92 -40.90 14.19
C VAL B 17 -24.28 -41.37 14.75
N ASP B 18 -24.32 -41.67 16.05
CA ASP B 18 -25.54 -42.10 16.75
C ASP B 18 -25.92 -40.99 17.75
N SER B 19 -27.14 -41.05 18.33
CA SER B 19 -27.63 -40.07 19.31
C SER B 19 -26.76 -40.00 20.57
N ASP B 20 -26.15 -41.13 20.95
CA ASP B 20 -25.26 -41.26 22.11
C ASP B 20 -23.79 -40.91 21.81
N THR B 21 -23.46 -40.65 20.52
CA THR B 21 -22.08 -40.29 20.10
C THR B 21 -21.76 -38.89 20.59
N SER B 22 -20.70 -38.76 21.40
CA SER B 22 -20.24 -37.49 21.94
C SER B 22 -19.42 -36.73 20.90
N ILE B 23 -19.26 -35.41 21.11
CA ILE B 23 -18.49 -34.51 20.25
C ILE B 23 -17.00 -34.92 20.24
N PHE B 24 -16.49 -35.38 21.40
CA PHE B 24 -15.11 -35.86 21.56
C PHE B 24 -14.90 -37.13 20.72
N GLN B 25 -15.92 -38.01 20.64
CA GLN B 25 -15.91 -39.23 19.84
C GLN B 25 -15.92 -38.90 18.35
N LEU B 26 -16.65 -37.82 17.96
CA LEU B 26 -16.71 -37.33 16.58
C LEU B 26 -15.33 -36.77 16.19
N LYS B 27 -14.69 -36.02 17.13
CA LYS B 27 -13.36 -35.44 16.96
C LYS B 27 -12.34 -36.56 16.75
N GLU B 28 -12.43 -37.66 17.54
CA GLU B 28 -11.55 -38.83 17.47
C GLU B 28 -11.61 -39.53 16.10
N VAL B 29 -12.82 -39.58 15.50
CA VAL B 29 -13.09 -40.17 14.17
C VAL B 29 -12.40 -39.33 13.07
N VAL B 30 -12.59 -38.00 13.10
CA VAL B 30 -12.01 -37.06 12.13
C VAL B 30 -10.48 -36.91 12.35
N ALA B 31 -10.02 -37.13 13.61
CA ALA B 31 -8.61 -37.05 14.00
C ALA B 31 -7.76 -38.11 13.31
N LYS B 32 -8.18 -39.39 13.37
CA LYS B 32 -7.48 -40.52 12.73
C LYS B 32 -7.65 -40.52 11.20
N ARG B 33 -8.76 -39.96 10.70
CA ARG B 33 -9.08 -39.86 9.28
C ARG B 33 -8.16 -38.84 8.58
N GLN B 34 -7.82 -37.74 9.28
CA GLN B 34 -6.98 -36.65 8.76
C GLN B 34 -5.52 -36.68 9.24
N GLY B 35 -5.23 -37.47 10.28
CA GLY B 35 -3.90 -37.59 10.86
C GLY B 35 -3.48 -36.39 11.68
N VAL B 36 -4.46 -35.78 12.38
CA VAL B 36 -4.28 -34.59 13.22
C VAL B 36 -4.72 -34.97 14.67
N PRO B 37 -4.00 -34.55 15.74
CA PRO B 37 -4.43 -34.93 17.11
C PRO B 37 -5.81 -34.36 17.48
N ALA B 38 -6.62 -35.17 18.20
CA ALA B 38 -7.98 -34.85 18.63
C ALA B 38 -8.09 -33.67 19.61
N ASP B 39 -7.06 -33.45 20.46
CA ASP B 39 -7.03 -32.35 21.43
C ASP B 39 -6.79 -30.96 20.79
N GLN B 40 -6.57 -30.92 19.47
CA GLN B 40 -6.35 -29.70 18.68
C GLN B 40 -7.59 -29.32 17.86
N LEU B 41 -8.58 -30.25 17.73
CA LEU B 41 -9.80 -30.05 16.96
C LEU B 41 -10.91 -29.34 17.72
N ARG B 42 -11.73 -28.55 16.99
CA ARG B 42 -12.84 -27.76 17.53
C ARG B 42 -14.08 -27.96 16.65
N VAL B 43 -15.22 -28.33 17.25
CA VAL B 43 -16.47 -28.55 16.51
C VAL B 43 -17.35 -27.30 16.60
N ILE B 44 -17.67 -26.71 15.43
CA ILE B 44 -18.51 -25.51 15.31
C ILE B 44 -19.78 -25.87 14.55
N PHE B 45 -20.94 -25.55 15.13
CA PHE B 45 -22.25 -25.78 14.51
C PHE B 45 -23.09 -24.53 14.63
N ALA B 46 -23.46 -23.94 13.46
CA ALA B 46 -24.24 -22.70 13.32
C ALA B 46 -23.63 -21.54 14.13
N GLY B 47 -22.32 -21.37 13.98
CA GLY B 47 -21.53 -20.33 14.64
C GLY B 47 -21.22 -20.55 16.11
N LYS B 48 -21.68 -21.68 16.69
CA LYS B 48 -21.47 -22.00 18.10
C LYS B 48 -20.65 -23.27 18.31
N GLU B 49 -19.70 -23.22 19.26
CA GLU B 49 -18.83 -24.35 19.59
C GLU B 49 -19.55 -25.43 20.39
N LEU B 50 -19.35 -26.70 19.99
CA LEU B 50 -19.94 -27.86 20.67
C LEU B 50 -18.87 -28.49 21.56
N ARG B 51 -19.20 -28.66 22.85
CA ARG B 51 -18.32 -29.20 23.89
C ARG B 51 -18.18 -30.73 23.83
N ASN B 52 -16.98 -31.24 24.16
CA ASN B 52 -16.57 -32.65 24.16
C ASN B 52 -17.57 -33.63 24.80
N ASP B 53 -18.06 -33.31 26.00
CA ASP B 53 -18.98 -34.13 26.78
C ASP B 53 -20.41 -34.23 26.22
N TRP B 54 -20.82 -33.27 25.37
CA TRP B 54 -22.15 -33.23 24.77
C TRP B 54 -22.31 -34.31 23.70
N THR B 55 -23.45 -35.00 23.68
CA THR B 55 -23.77 -36.03 22.70
C THR B 55 -24.48 -35.38 21.49
N VAL B 56 -24.77 -36.16 20.44
CA VAL B 56 -25.47 -35.71 19.23
C VAL B 56 -26.88 -35.19 19.58
N GLN B 57 -27.59 -35.90 20.48
CA GLN B 57 -28.94 -35.56 20.96
C GLN B 57 -28.94 -34.23 21.75
N ASN B 58 -27.91 -34.01 22.59
CA ASN B 58 -27.76 -32.79 23.40
C ASN B 58 -27.61 -31.56 22.52
N CYS B 59 -26.79 -31.69 21.45
CA CYS B 59 -26.49 -30.65 20.46
C CYS B 59 -27.66 -30.38 19.49
N ASP B 60 -28.67 -31.28 19.48
CA ASP B 60 -29.85 -31.25 18.61
C ASP B 60 -29.42 -31.36 17.13
N LEU B 61 -28.46 -32.27 16.87
CA LEU B 61 -27.93 -32.55 15.54
C LEU B 61 -28.85 -33.54 14.84
N ASP B 62 -29.37 -33.14 13.67
CA ASP B 62 -30.27 -33.96 12.86
C ASP B 62 -29.57 -34.46 11.58
N GLN B 63 -30.29 -35.25 10.76
CA GLN B 63 -29.79 -35.78 9.48
C GLN B 63 -29.46 -34.65 8.52
N GLN B 64 -28.36 -34.81 7.75
CA GLN B 64 -27.85 -33.86 6.74
C GLN B 64 -27.35 -32.52 7.32
N ASP B 65 -27.17 -32.43 8.66
CA ASP B 65 -26.66 -31.22 9.32
C ASP B 65 -25.16 -31.06 9.04
N ILE B 66 -24.72 -29.81 8.82
CA ILE B 66 -23.32 -29.51 8.54
C ILE B 66 -22.60 -28.96 9.78
N VAL B 67 -21.49 -29.60 10.15
CA VAL B 67 -20.62 -29.20 11.25
C VAL B 67 -19.24 -28.84 10.71
N HIS B 68 -18.58 -27.89 11.37
CA HIS B 68 -17.24 -27.46 10.99
C HIS B 68 -16.24 -27.98 12.00
N ILE B 69 -15.11 -28.50 11.51
CA ILE B 69 -14.01 -28.96 12.34
C ILE B 69 -12.80 -28.10 11.99
N VAL B 70 -12.33 -27.31 12.97
CA VAL B 70 -11.21 -26.39 12.82
C VAL B 70 -10.07 -26.74 13.79
N GLN B 71 -8.84 -26.81 13.25
CA GLN B 71 -7.61 -27.13 13.98
C GLN B 71 -7.01 -25.87 14.62
N ARG B 72 -7.26 -25.70 15.93
CA ARG B 72 -6.74 -24.62 16.76
C ARG B 72 -6.85 -25.05 18.23
N PRO B 73 -5.72 -25.34 18.93
CA PRO B 73 -5.83 -25.75 20.34
C PRO B 73 -6.24 -24.59 21.23
N TRP B 74 -7.16 -24.84 22.17
CA TRP B 74 -7.61 -23.80 23.09
C TRP B 74 -6.58 -23.62 24.21
N ARG B 75 -6.02 -22.41 24.30
CA ARG B 75 -5.01 -22.06 25.30
C ARG B 75 -5.59 -21.08 26.31
N LYS B 76 -5.47 -21.42 27.62
CA LYS B 76 -5.97 -20.59 28.72
C LYS B 76 -4.91 -19.62 29.23
N GLY B 77 -3.63 -19.98 29.05
CA GLY B 77 -2.47 -19.18 29.46
C GLY B 77 -2.34 -17.87 28.73
N GLN B 78 -2.78 -16.78 29.39
CA GLN B 78 -2.75 -15.41 28.85
C GLN B 78 -2.52 -14.36 29.96
N GLU B 79 -1.99 -13.17 29.59
CA GLU B 79 -1.73 -12.09 30.53
C GLU B 79 -2.78 -10.99 30.44
N MET B 80 -3.53 -10.79 31.54
CA MET B 80 -4.59 -9.78 31.64
C MET B 80 -4.06 -8.38 31.95
N ASN B 81 -3.11 -8.27 32.91
CA ASN B 81 -2.50 -7.02 33.33
C ASN B 81 -1.18 -6.72 32.59
N ALA B 82 -1.17 -6.96 31.26
CA ALA B 82 -0.02 -6.72 30.39
C ALA B 82 0.15 -5.22 30.16
N THR B 83 1.41 -4.75 30.17
CA THR B 83 1.77 -3.34 29.99
C THR B 83 1.81 -2.89 28.52
N ASN B 84 1.91 -3.85 27.58
CA ASN B 84 2.01 -3.56 26.14
C ASN B 84 0.74 -2.95 25.57
N SER B 85 0.92 -1.95 24.68
CA SER B 85 -0.16 -1.23 24.02
C SER B 85 -0.43 -1.73 22.61
N PHE B 86 0.62 -2.25 21.95
CA PHE B 86 0.54 -2.67 20.55
C PHE B 86 0.76 -4.16 20.34
N TYR B 87 0.19 -4.66 19.23
CA TYR B 87 0.29 -6.05 18.80
C TYR B 87 0.67 -6.11 17.34
N VAL B 88 1.57 -7.02 16.99
CA VAL B 88 2.06 -7.23 15.62
C VAL B 88 2.01 -8.72 15.24
N TYR B 89 2.01 -9.01 13.93
CA TYR B 89 2.07 -10.39 13.48
C TYR B 89 3.50 -10.67 13.08
N CYS B 90 4.20 -11.46 13.89
CA CYS B 90 5.58 -11.85 13.64
C CYS B 90 5.54 -13.03 12.69
N LYS B 91 5.97 -12.86 11.43
CA LYS B 91 5.92 -13.95 10.45
C LYS B 91 7.20 -14.82 10.45
N GLY B 92 7.73 -15.06 11.65
CA GLY B 92 8.93 -15.85 11.89
C GLY B 92 9.88 -15.16 12.85
N PRO B 93 10.35 -15.84 13.92
CA PRO B 93 10.11 -17.25 14.29
C PRO B 93 8.84 -17.52 15.09
N CYS B 94 8.06 -16.47 15.42
CA CYS B 94 6.83 -16.61 16.22
C CYS B 94 5.67 -17.21 15.44
N GLN B 95 5.37 -16.68 14.23
CA GLN B 95 4.27 -17.09 13.34
C GLN B 95 2.89 -17.00 14.04
N ARG B 96 2.71 -15.91 14.83
CA ARG B 96 1.51 -15.60 15.61
C ARG B 96 1.49 -14.12 16.07
N VAL B 97 0.38 -13.68 16.71
CA VAL B 97 0.21 -12.32 17.26
C VAL B 97 1.10 -12.22 18.50
N GLN B 98 1.94 -11.17 18.54
CA GLN B 98 2.86 -10.93 19.65
C GLN B 98 2.87 -9.45 20.05
N PRO B 99 3.24 -9.09 21.31
CA PRO B 99 3.30 -7.66 21.68
C PRO B 99 4.32 -6.93 20.81
N GLY B 100 3.91 -5.79 20.27
CA GLY B 100 4.73 -4.98 19.39
C GLY B 100 5.70 -4.05 20.07
N LYS B 101 6.71 -3.60 19.31
CA LYS B 101 7.75 -2.69 19.75
C LYS B 101 7.74 -1.50 18.79
N LEU B 102 7.24 -0.34 19.26
CA LEU B 102 7.14 0.87 18.45
C LEU B 102 8.43 1.67 18.46
N ARG B 103 8.96 1.94 17.26
CA ARG B 103 10.20 2.71 17.08
C ARG B 103 9.98 3.82 16.04
N VAL B 104 10.76 4.90 16.12
CA VAL B 104 10.66 6.03 15.20
C VAL B 104 12.00 6.34 14.51
N GLN B 105 11.92 6.85 13.27
CA GLN B 105 13.06 7.25 12.47
C GLN B 105 12.70 8.41 11.53
N CYS B 106 13.71 9.01 10.91
CA CYS B 106 13.53 10.09 9.95
C CYS B 106 13.03 9.45 8.64
N SER B 107 11.95 9.99 8.06
CA SER B 107 11.37 9.45 6.81
C SER B 107 12.26 9.66 5.57
N THR B 108 13.34 10.46 5.70
CA THR B 108 14.26 10.77 4.62
C THR B 108 15.52 9.89 4.65
N CYS B 109 16.32 9.99 5.74
CA CYS B 109 17.58 9.26 5.89
C CYS B 109 17.45 7.89 6.57
N ARG B 110 16.27 7.59 7.17
CA ARG B 110 15.91 6.33 7.85
C ARG B 110 16.81 6.02 9.07
N GLN B 111 17.31 7.09 9.73
CA GLN B 111 18.14 7.00 10.92
C GLN B 111 17.31 7.34 12.16
N ALA B 112 17.73 6.83 13.33
CA ALA B 112 17.10 7.13 14.62
C ALA B 112 17.70 8.45 15.14
N THR B 113 17.62 9.50 14.30
CA THR B 113 18.17 10.84 14.52
C THR B 113 17.08 11.91 14.53
N LEU B 114 15.83 11.55 14.21
CA LEU B 114 14.74 12.51 14.20
C LEU B 114 14.22 12.78 15.61
N THR B 115 14.24 14.07 16.01
CA THR B 115 13.77 14.54 17.31
C THR B 115 12.36 15.09 17.10
N LEU B 116 11.35 14.33 17.57
CA LEU B 116 9.93 14.66 17.45
C LEU B 116 9.55 15.94 18.20
N THR B 117 8.61 16.70 17.63
CA THR B 117 8.08 17.95 18.20
C THR B 117 7.26 17.57 19.46
N GLN B 118 6.47 16.49 19.34
CA GLN B 118 5.64 15.91 20.39
C GLN B 118 5.53 14.40 20.18
N GLY B 119 5.37 13.67 21.28
CA GLY B 119 5.24 12.21 21.26
C GLY B 119 3.88 11.76 20.72
N PRO B 120 3.81 10.55 20.10
CA PRO B 120 2.51 10.06 19.58
C PRO B 120 1.49 9.82 20.68
N SER B 121 0.21 10.13 20.41
CA SER B 121 -0.89 9.98 21.37
C SER B 121 -1.99 9.02 20.93
N CYS B 122 -2.02 8.67 19.62
CA CYS B 122 -3.03 7.80 19.02
C CYS B 122 -2.46 6.98 17.86
N TRP B 123 -3.26 6.04 17.32
CA TRP B 123 -2.89 5.18 16.18
C TRP B 123 -2.63 5.99 14.91
N ASP B 124 -3.44 7.04 14.66
CA ASP B 124 -3.32 7.92 13.49
C ASP B 124 -1.92 8.55 13.38
N ASP B 125 -1.33 8.94 14.52
CA ASP B 125 0.01 9.52 14.63
C ASP B 125 1.11 8.56 14.17
N VAL B 126 0.92 7.24 14.35
CA VAL B 126 1.92 6.23 13.97
C VAL B 126 1.59 5.48 12.66
N LEU B 127 0.33 5.57 12.18
CA LEU B 127 -0.11 4.87 10.96
C LEU B 127 -0.14 5.75 9.71
N ILE B 128 -0.66 6.99 9.83
CA ILE B 128 -0.76 7.94 8.70
C ILE B 128 0.64 8.44 8.32
N PRO B 129 1.09 8.23 7.07
CA PRO B 129 2.43 8.71 6.67
C PRO B 129 2.53 10.23 6.67
N ASN B 130 3.65 10.76 7.19
CA ASN B 130 4.01 12.18 7.30
C ASN B 130 3.05 13.00 8.22
N ARG B 131 2.36 12.32 9.15
CA ARG B 131 1.44 12.95 10.10
C ARG B 131 2.18 13.71 11.20
N MET B 132 3.24 13.10 11.78
CA MET B 132 4.04 13.68 12.86
C MET B 132 5.28 14.41 12.36
N SER B 133 5.52 15.61 12.92
CA SER B 133 6.66 16.46 12.57
C SER B 133 7.80 16.36 13.59
N GLY B 134 8.96 16.85 13.19
CA GLY B 134 10.18 16.88 14.00
C GLY B 134 11.35 17.44 13.23
N GLU B 135 12.57 17.32 13.78
CA GLU B 135 13.77 17.79 13.09
C GLU B 135 14.89 16.77 13.21
N CYS B 136 15.46 16.39 12.05
CA CYS B 136 16.54 15.41 11.96
C CYS B 136 17.87 15.99 12.43
N GLN B 137 18.57 15.26 13.31
CA GLN B 137 19.86 15.68 13.87
C GLN B 137 21.07 15.28 13.01
N SER B 138 20.84 14.47 11.95
CA SER B 138 21.89 14.02 11.03
C SER B 138 22.36 15.20 10.17
N PRO B 139 23.70 15.35 9.94
CA PRO B 139 24.18 16.49 9.16
C PRO B 139 23.64 16.60 7.73
N HIS B 140 23.14 17.80 7.39
CA HIS B 140 22.59 18.22 6.10
C HIS B 140 21.44 17.32 5.59
N CYS B 141 20.53 16.93 6.50
CA CYS B 141 19.34 16.15 6.16
C CYS B 141 18.11 17.07 6.22
N PRO B 142 17.34 17.18 5.10
CA PRO B 142 16.15 18.07 5.13
C PRO B 142 14.92 17.47 5.81
N GLY B 143 15.06 16.24 6.30
CA GLY B 143 14.02 15.48 6.98
C GLY B 143 13.37 16.19 8.14
N THR B 144 12.04 16.38 8.05
CA THR B 144 11.21 17.06 9.04
C THR B 144 9.99 16.20 9.44
N SER B 145 9.83 15.03 8.78
CA SER B 145 8.71 14.11 8.98
C SER B 145 9.14 12.79 9.65
N ALA B 146 8.32 12.31 10.60
CA ALA B 146 8.57 11.07 11.34
C ALA B 146 8.03 9.85 10.62
N GLU B 147 8.78 8.73 10.70
CA GLU B 147 8.41 7.45 10.12
C GLU B 147 8.43 6.42 11.25
N PHE B 148 7.24 5.98 11.69
CA PHE B 148 7.09 5.00 12.74
C PHE B 148 7.03 3.60 12.17
N PHE B 149 7.70 2.66 12.84
CA PHE B 149 7.71 1.25 12.44
C PHE B 149 7.57 0.36 13.65
N PHE B 150 6.96 -0.81 13.46
CA PHE B 150 6.71 -1.78 14.51
C PHE B 150 7.53 -3.04 14.29
N LYS B 151 7.97 -3.65 15.40
CA LYS B 151 8.77 -4.88 15.42
C LYS B 151 8.19 -5.83 16.47
N CYS B 152 8.60 -7.10 16.45
CA CYS B 152 8.16 -8.06 17.45
C CYS B 152 8.94 -7.83 18.74
N GLY B 153 8.25 -7.91 19.88
CA GLY B 153 8.85 -7.68 21.19
C GLY B 153 9.16 -8.94 22.00
N ALA B 154 8.83 -10.12 21.45
CA ALA B 154 9.03 -11.42 22.12
C ALA B 154 10.47 -11.96 22.04
N HIS B 155 11.30 -11.35 21.18
CA HIS B 155 12.70 -11.74 20.94
C HIS B 155 13.48 -10.56 20.35
N PRO B 156 14.84 -10.60 20.29
CA PRO B 156 15.56 -9.47 19.65
C PRO B 156 15.29 -9.40 18.15
N THR B 157 15.28 -8.18 17.59
CA THR B 157 15.05 -7.94 16.16
C THR B 157 16.01 -6.87 15.68
N SER B 158 16.46 -6.97 14.41
CA SER B 158 17.33 -5.97 13.81
C SER B 158 16.50 -4.72 13.48
N ASP B 159 17.17 -3.56 13.26
CA ASP B 159 16.52 -2.30 12.92
C ASP B 159 15.62 -2.43 11.66
N LYS B 160 15.98 -3.35 10.75
CA LYS B 160 15.29 -3.68 9.50
C LYS B 160 14.11 -4.64 9.70
N GLU B 161 14.21 -5.55 10.69
CA GLU B 161 13.22 -6.58 10.99
C GLU B 161 11.87 -6.06 11.48
N THR B 162 11.05 -5.55 10.55
CA THR B 162 9.73 -4.99 10.85
C THR B 162 8.60 -6.02 10.80
N SER B 163 7.54 -5.78 11.59
CA SER B 163 6.33 -6.59 11.64
C SER B 163 5.13 -5.68 11.46
N VAL B 164 4.11 -6.16 10.72
CA VAL B 164 2.88 -5.40 10.43
C VAL B 164 2.07 -5.21 11.71
N ALA B 165 1.70 -3.95 11.98
CA ALA B 165 0.91 -3.56 13.15
C ALA B 165 -0.56 -3.93 12.97
N LEU B 166 -1.14 -4.50 14.03
CA LEU B 166 -2.54 -4.91 14.06
C LEU B 166 -3.28 -3.93 14.97
N HIS B 167 -3.74 -2.80 14.38
CA HIS B 167 -4.39 -1.70 15.10
C HIS B 167 -5.78 -2.04 15.66
N LEU B 168 -6.44 -3.12 15.16
CA LEU B 168 -7.75 -3.53 15.68
C LEU B 168 -7.59 -4.31 16.99
N ILE B 169 -6.41 -4.91 17.20
CA ILE B 169 -6.09 -5.72 18.37
C ILE B 169 -5.59 -4.84 19.53
N ALA B 170 -6.15 -5.07 20.74
CA ALA B 170 -5.81 -4.31 21.93
C ALA B 170 -5.77 -5.18 23.19
N THR B 171 -5.07 -4.70 24.24
CA THR B 171 -4.97 -5.36 25.54
C THR B 171 -6.30 -5.10 26.26
N ASN B 172 -6.92 -6.15 26.80
CA ASN B 172 -8.21 -6.00 27.47
C ASN B 172 -8.06 -5.56 28.93
N SER B 173 -7.64 -4.29 29.13
CA SER B 173 -7.47 -3.67 30.44
C SER B 173 -8.83 -3.25 31.00
N ARG B 174 -9.81 -3.06 30.10
CA ARG B 174 -11.19 -2.65 30.41
C ARG B 174 -12.07 -3.83 30.87
N ASN B 175 -11.54 -5.08 30.76
CA ASN B 175 -12.17 -6.35 31.14
C ASN B 175 -13.51 -6.60 30.40
N ILE B 176 -13.52 -6.29 29.10
CA ILE B 176 -14.70 -6.45 28.22
C ILE B 176 -14.86 -7.93 27.84
N THR B 177 -16.09 -8.45 27.94
CA THR B 177 -16.43 -9.83 27.58
C THR B 177 -16.48 -9.99 26.05
N CYS B 178 -16.16 -11.19 25.54
CA CYS B 178 -16.19 -11.51 24.11
C CYS B 178 -17.65 -11.61 23.63
N ILE B 179 -17.91 -11.16 22.39
CA ILE B 179 -19.26 -11.16 21.79
C ILE B 179 -19.84 -12.57 21.55
N THR B 180 -18.98 -13.54 21.19
CA THR B 180 -19.38 -14.92 20.88
CA THR B 180 -19.40 -14.92 20.88
C THR B 180 -19.30 -15.89 22.06
N CYS B 181 -18.18 -15.87 22.83
CA CYS B 181 -18.00 -16.81 23.95
C CYS B 181 -18.31 -16.25 25.35
N THR B 182 -18.46 -14.90 25.48
CA THR B 182 -18.75 -14.12 26.72
C THR B 182 -17.61 -14.20 27.77
N ASP B 183 -16.46 -14.77 27.39
CA ASP B 183 -15.31 -14.90 28.29
C ASP B 183 -14.42 -13.66 28.23
N VAL B 184 -13.78 -13.32 29.36
CA VAL B 184 -12.87 -12.17 29.45
C VAL B 184 -11.48 -12.67 29.06
N ARG B 185 -11.02 -12.26 27.87
CA ARG B 185 -9.73 -12.68 27.31
C ARG B 185 -8.89 -11.47 26.88
N SER B 186 -7.56 -11.65 26.78
CA SER B 186 -6.62 -10.63 26.34
C SER B 186 -5.49 -11.28 25.51
N PRO B 187 -5.17 -10.76 24.30
CA PRO B 187 -5.75 -9.59 23.62
C PRO B 187 -7.09 -9.84 22.93
N VAL B 188 -7.73 -8.75 22.46
CA VAL B 188 -9.02 -8.79 21.77
C VAL B 188 -9.00 -7.94 20.50
N LEU B 189 -9.75 -8.37 19.48
CA LEU B 189 -9.91 -7.65 18.21
C LEU B 189 -11.19 -6.80 18.34
N VAL B 190 -11.08 -5.52 18.01
CA VAL B 190 -12.20 -4.57 18.08
C VAL B 190 -12.64 -4.20 16.67
N PHE B 191 -13.86 -4.61 16.28
CA PHE B 191 -14.45 -4.30 14.98
C PHE B 191 -14.76 -2.81 14.88
N GLN B 192 -14.65 -2.24 13.67
CA GLN B 192 -14.88 -0.81 13.44
C GLN B 192 -16.36 -0.46 13.21
N CYS B 193 -17.26 -1.20 13.89
CA CYS B 193 -18.70 -0.95 13.87
C CYS B 193 -19.03 0.15 14.88
N ASN B 194 -20.24 0.75 14.78
CA ASN B 194 -20.70 1.81 15.67
C ASN B 194 -20.63 1.40 17.16
N SER B 195 -21.02 0.14 17.46
CA SER B 195 -21.01 -0.43 18.81
C SER B 195 -19.61 -0.84 19.30
N ARG B 196 -18.62 -0.96 18.38
CA ARG B 196 -17.22 -1.35 18.65
C ARG B 196 -17.16 -2.70 19.38
N HIS B 197 -17.67 -3.76 18.73
CA HIS B 197 -17.74 -5.10 19.30
C HIS B 197 -16.38 -5.75 19.49
N VAL B 198 -16.20 -6.34 20.68
CA VAL B 198 -14.99 -7.01 21.14
C VAL B 198 -15.09 -8.53 20.91
N ILE B 199 -14.07 -9.10 20.27
CA ILE B 199 -13.97 -10.53 20.00
C ILE B 199 -12.57 -11.05 20.38
N CYS B 200 -12.49 -12.22 21.05
CA CYS B 200 -11.19 -12.78 21.41
C CYS B 200 -10.52 -13.40 20.18
N LEU B 201 -9.18 -13.55 20.21
CA LEU B 201 -8.42 -14.08 19.07
C LEU B 201 -8.78 -15.53 18.73
N ASP B 202 -9.24 -16.32 19.72
CA ASP B 202 -9.67 -17.71 19.53
C ASP B 202 -10.98 -17.72 18.71
N CYS B 203 -11.98 -16.92 19.13
CA CYS B 203 -13.28 -16.77 18.46
C CYS B 203 -13.16 -16.21 17.06
N PHE B 204 -12.26 -15.21 16.87
CA PHE B 204 -12.00 -14.58 15.57
C PHE B 204 -11.45 -15.61 14.59
N HIS B 205 -10.60 -16.54 15.07
CA HIS B 205 -10.05 -17.62 14.26
C HIS B 205 -11.18 -18.56 13.83
N LEU B 206 -12.04 -18.98 14.79
CA LEU B 206 -13.18 -19.87 14.52
C LEU B 206 -14.16 -19.21 13.55
N TYR B 207 -14.33 -17.88 13.66
CA TYR B 207 -15.20 -17.06 12.80
C TYR B 207 -14.69 -17.04 11.35
N CYS B 208 -13.40 -16.73 11.15
CA CYS B 208 -12.77 -16.65 9.83
C CYS B 208 -12.66 -17.98 9.11
N VAL B 209 -12.28 -19.07 9.82
CA VAL B 209 -12.12 -20.41 9.23
C VAL B 209 -13.48 -20.98 8.79
N THR B 210 -14.53 -20.87 9.65
CA THR B 210 -15.88 -21.36 9.31
C THR B 210 -16.48 -20.59 8.14
N ARG B 211 -16.20 -19.27 8.04
CA ARG B 211 -16.67 -18.43 6.95
C ARG B 211 -15.90 -18.69 5.64
N LEU B 212 -14.66 -19.23 5.74
CA LEU B 212 -13.87 -19.63 4.57
C LEU B 212 -14.46 -20.92 4.00
N ASN B 213 -14.89 -21.83 4.91
CA ASN B 213 -15.53 -23.12 4.57
C ASN B 213 -16.94 -22.91 4.05
N ASP B 214 -17.70 -21.97 4.65
CA ASP B 214 -19.07 -21.64 4.23
C ASP B 214 -19.08 -20.74 3.00
N ARG B 215 -17.91 -20.15 2.66
CA ARG B 215 -17.69 -19.22 1.55
C ARG B 215 -18.62 -17.99 1.69
N GLN B 216 -18.62 -17.39 2.91
CA GLN B 216 -19.44 -16.24 3.26
C GLN B 216 -18.61 -14.96 3.49
N PHE B 217 -17.45 -14.86 2.81
CA PHE B 217 -16.59 -13.67 2.86
C PHE B 217 -17.21 -12.60 1.97
N VAL B 218 -17.49 -11.42 2.54
CA VAL B 218 -18.14 -10.30 1.83
C VAL B 218 -17.15 -9.61 0.89
N HIS B 219 -17.57 -9.37 -0.37
CA HIS B 219 -16.75 -8.69 -1.39
C HIS B 219 -17.08 -7.21 -1.50
N ASP B 220 -16.03 -6.37 -1.41
CA ASP B 220 -16.10 -4.92 -1.54
C ASP B 220 -15.31 -4.53 -2.81
N PRO B 221 -15.90 -3.74 -3.73
CA PRO B 221 -15.19 -3.41 -4.98
C PRO B 221 -13.87 -2.64 -4.81
N GLN B 222 -13.81 -1.71 -3.84
CA GLN B 222 -12.61 -0.88 -3.58
C GLN B 222 -11.79 -1.36 -2.38
N LEU B 223 -11.85 -2.67 -2.06
CA LEU B 223 -11.13 -3.27 -0.93
C LEU B 223 -10.75 -4.74 -1.19
N GLY B 224 -11.70 -5.51 -1.71
CA GLY B 224 -11.52 -6.94 -1.99
C GLY B 224 -12.41 -7.81 -1.12
N TYR B 225 -11.92 -9.02 -0.77
CA TYR B 225 -12.67 -9.97 0.06
C TYR B 225 -12.28 -9.82 1.53
N SER B 226 -13.29 -9.59 2.40
CA SER B 226 -13.09 -9.39 3.84
C SER B 226 -14.33 -9.84 4.64
N LEU B 227 -14.24 -9.77 5.98
CA LEU B 227 -15.35 -10.11 6.87
C LEU B 227 -15.79 -8.91 7.70
N PRO B 228 -17.12 -8.74 7.94
CA PRO B 228 -17.56 -7.62 8.78
C PRO B 228 -17.59 -8.04 10.25
N CYS B 229 -18.32 -7.28 11.09
CA CYS B 229 -18.50 -7.64 12.50
C CYS B 229 -19.36 -8.89 12.55
N VAL B 230 -19.02 -9.85 13.44
CA VAL B 230 -19.73 -11.13 13.62
C VAL B 230 -21.24 -10.92 13.91
N ALA B 231 -21.60 -9.73 14.47
CA ALA B 231 -22.97 -9.33 14.77
C ALA B 231 -23.76 -8.91 13.52
N GLY B 232 -23.05 -8.76 12.38
CA GLY B 232 -23.63 -8.36 11.11
C GLY B 232 -23.89 -6.88 11.02
N CYS B 233 -23.10 -6.09 11.76
CA CYS B 233 -23.20 -4.62 11.83
C CYS B 233 -22.87 -3.95 10.50
N PRO B 234 -23.55 -2.85 10.13
CA PRO B 234 -23.22 -2.18 8.86
C PRO B 234 -21.93 -1.37 8.94
N ASN B 235 -21.22 -1.23 7.81
CA ASN B 235 -19.95 -0.50 7.66
C ASN B 235 -18.92 -0.94 8.74
N SER B 236 -18.70 -2.27 8.83
CA SER B 236 -17.80 -2.87 9.82
C SER B 236 -16.75 -3.82 9.20
N LEU B 237 -16.61 -3.82 7.87
CA LEU B 237 -15.63 -4.67 7.17
C LEU B 237 -14.21 -4.29 7.52
N ILE B 238 -13.35 -5.31 7.73
CA ILE B 238 -11.94 -5.13 8.07
C ILE B 238 -11.21 -4.54 6.85
N LYS B 239 -10.76 -3.28 6.98
CA LYS B 239 -10.06 -2.54 5.92
C LYS B 239 -8.59 -2.99 5.84
N GLU B 240 -7.93 -3.14 7.01
CA GLU B 240 -6.54 -3.59 7.09
C GLU B 240 -6.54 -5.12 6.96
N LEU B 241 -6.48 -5.60 5.69
CA LEU B 241 -6.53 -7.01 5.31
C LEU B 241 -5.40 -7.88 5.91
N HIS B 242 -4.35 -7.25 6.46
CA HIS B 242 -3.24 -7.95 7.13
C HIS B 242 -3.67 -8.56 8.48
N HIS B 243 -4.93 -8.31 8.91
CA HIS B 243 -5.50 -8.88 10.13
C HIS B 243 -5.87 -10.35 9.96
N PHE B 244 -6.00 -10.81 8.70
CA PHE B 244 -6.30 -12.21 8.37
C PHE B 244 -5.04 -13.07 8.40
N ARG B 245 -3.86 -12.46 8.61
CA ARG B 245 -2.58 -13.14 8.72
C ARG B 245 -2.46 -13.86 10.06
N ILE B 246 -3.20 -13.36 11.08
CA ILE B 246 -3.22 -13.89 12.46
C ILE B 246 -3.75 -15.35 12.54
N LEU B 247 -4.40 -15.83 11.46
CA LEU B 247 -4.95 -17.18 11.35
C LEU B 247 -3.86 -18.24 11.12
N GLY B 248 -2.66 -17.80 10.76
CA GLY B 248 -1.52 -18.67 10.48
C GLY B 248 -1.31 -18.83 8.99
N GLU B 249 -0.13 -19.33 8.60
CA GLU B 249 0.29 -19.54 7.20
C GLU B 249 -0.71 -20.36 6.38
N GLU B 250 -1.17 -21.50 6.92
CA GLU B 250 -2.12 -22.40 6.25
C GLU B 250 -3.46 -21.73 5.92
N GLN B 251 -4.11 -21.10 6.92
CA GLN B 251 -5.40 -20.44 6.75
C GLN B 251 -5.33 -19.11 5.99
N TYR B 252 -4.19 -18.39 6.08
CA TYR B 252 -4.01 -17.12 5.37
C TYR B 252 -3.82 -17.37 3.87
N ASN B 253 -3.15 -18.49 3.50
CA ASN B 253 -2.95 -18.92 2.12
C ASN B 253 -4.29 -19.26 1.47
N ARG B 254 -5.22 -19.83 2.27
CA ARG B 254 -6.59 -20.16 1.84
C ARG B 254 -7.35 -18.87 1.53
N TYR B 255 -7.17 -17.84 2.39
CA TYR B 255 -7.78 -16.52 2.26
C TYR B 255 -7.27 -15.79 1.02
N GLN B 256 -5.97 -15.92 0.72
CA GLN B 256 -5.34 -15.28 -0.44
C GLN B 256 -5.86 -15.85 -1.77
N GLN B 257 -6.13 -17.16 -1.80
CA GLN B 257 -6.62 -17.87 -2.99
C GLN B 257 -8.15 -17.72 -3.19
N TYR B 258 -8.87 -17.17 -2.19
CA TYR B 258 -10.33 -16.96 -2.21
C TYR B 258 -10.82 -16.21 -3.45
N GLY B 259 -10.08 -15.17 -3.85
CA GLY B 259 -10.38 -14.35 -5.01
C GLY B 259 -10.36 -15.13 -6.31
N ALA B 260 -9.32 -15.95 -6.51
CA ALA B 260 -9.13 -16.81 -7.68
C ALA B 260 -10.17 -17.93 -7.72
N GLU B 261 -10.56 -18.46 -6.53
CA GLU B 261 -11.55 -19.52 -6.37
C GLU B 261 -12.95 -19.04 -6.77
N GLU B 262 -13.31 -17.80 -6.39
CA GLU B 262 -14.60 -17.17 -6.67
C GLU B 262 -14.81 -16.91 -8.17
N CYS B 263 -13.72 -16.60 -8.91
CA CYS B 263 -13.76 -16.35 -10.36
C CYS B 263 -14.11 -17.63 -11.13
N VAL B 264 -13.57 -18.79 -10.67
CA VAL B 264 -13.81 -20.11 -11.26
C VAL B 264 -15.28 -20.52 -11.08
N LEU B 265 -15.84 -20.31 -9.86
CA LEU B 265 -17.23 -20.61 -9.52
C LEU B 265 -18.22 -19.72 -10.26
N GLN B 266 -17.84 -18.45 -10.52
CA GLN B 266 -18.64 -17.45 -11.23
C GLN B 266 -18.82 -17.87 -12.70
N MET B 267 -17.75 -18.40 -13.32
CA MET B 267 -17.73 -18.87 -14.72
C MET B 267 -18.60 -20.13 -14.90
N GLY B 268 -18.60 -21.00 -13.88
CA GLY B 268 -19.37 -22.24 -13.87
C GLY B 268 -18.55 -23.46 -13.52
N GLY B 269 -17.39 -23.24 -12.90
CA GLY B 269 -16.48 -24.30 -12.49
C GLY B 269 -16.76 -24.88 -11.12
N VAL B 270 -15.88 -25.78 -10.66
CA VAL B 270 -15.99 -26.45 -9.36
C VAL B 270 -14.62 -26.49 -8.65
N LEU B 271 -14.63 -26.50 -7.31
CA LEU B 271 -13.41 -26.55 -6.50
C LEU B 271 -13.13 -27.97 -6.01
N CYS B 272 -11.84 -28.28 -5.75
CA CYS B 272 -11.40 -29.59 -5.26
C CYS B 272 -11.96 -29.86 -3.85
N PRO B 273 -12.68 -30.99 -3.64
CA PRO B 273 -13.26 -31.25 -2.32
C PRO B 273 -12.29 -31.69 -1.24
N ARG B 274 -11.09 -32.18 -1.63
CA ARG B 274 -10.05 -32.68 -0.72
C ARG B 274 -9.52 -31.58 0.22
N PRO B 275 -9.41 -31.85 1.54
CA PRO B 275 -8.90 -30.82 2.48
C PRO B 275 -7.44 -30.45 2.22
N GLY B 276 -7.17 -29.15 2.26
CA GLY B 276 -5.84 -28.60 2.00
C GLY B 276 -5.56 -28.35 0.54
N CYS B 277 -6.59 -28.56 -0.32
CA CYS B 277 -6.52 -28.36 -1.77
C CYS B 277 -7.81 -27.72 -2.28
N GLY B 278 -7.73 -26.43 -2.58
CA GLY B 278 -8.86 -25.63 -3.09
C GLY B 278 -8.60 -25.15 -4.49
N ALA B 279 -8.19 -26.07 -5.38
CA ALA B 279 -7.86 -25.78 -6.78
C ALA B 279 -9.08 -25.46 -7.62
N GLY B 280 -9.00 -24.34 -8.35
CA GLY B 280 -10.05 -23.86 -9.24
C GLY B 280 -10.08 -24.65 -10.54
N LEU B 281 -10.87 -25.72 -10.54
CA LEU B 281 -11.02 -26.63 -11.69
C LEU B 281 -12.11 -26.17 -12.65
N LEU B 282 -11.79 -26.14 -13.95
CA LEU B 282 -12.72 -25.72 -15.00
C LEU B 282 -13.00 -26.90 -15.96
N PRO B 283 -14.00 -27.76 -15.65
CA PRO B 283 -14.29 -28.89 -16.53
C PRO B 283 -15.28 -28.56 -17.65
N GLU B 284 -15.72 -29.59 -18.41
CA GLU B 284 -16.68 -29.46 -19.51
C GLU B 284 -18.09 -29.07 -18.96
N PRO B 285 -18.97 -28.39 -19.75
CA PRO B 285 -20.27 -27.97 -19.20
C PRO B 285 -21.15 -29.08 -18.60
N ASP B 286 -21.15 -30.29 -19.20
CA ASP B 286 -21.96 -31.40 -18.70
C ASP B 286 -21.12 -32.67 -18.44
N GLN B 287 -20.00 -32.52 -17.71
CA GLN B 287 -19.11 -33.61 -17.34
C GLN B 287 -19.20 -33.88 -15.84
N ARG B 288 -19.49 -35.14 -15.47
CA ARG B 288 -19.63 -35.58 -14.08
C ARG B 288 -18.27 -35.94 -13.46
N LYS B 289 -17.38 -36.60 -14.23
CA LYS B 289 -16.05 -36.99 -13.77
C LYS B 289 -15.11 -35.79 -13.84
N VAL B 290 -14.62 -35.35 -12.67
CA VAL B 290 -13.71 -34.21 -12.53
C VAL B 290 -12.42 -34.67 -11.80
N THR B 291 -11.24 -34.31 -12.36
CA THR B 291 -9.95 -34.69 -11.78
C THR B 291 -9.03 -33.46 -11.62
N CYS B 292 -8.33 -33.37 -10.47
CA CYS B 292 -7.41 -32.30 -10.14
C CYS B 292 -6.04 -32.52 -10.81
N GLU B 293 -5.78 -31.79 -11.91
CA GLU B 293 -4.53 -31.89 -12.67
C GLU B 293 -3.90 -30.51 -12.90
N GLY B 295 -2.81 -25.30 -16.21
CA GLY B 295 -2.31 -25.10 -14.86
C GLY B 295 -1.85 -26.38 -14.19
N ASN B 296 -0.58 -26.41 -13.75
CA ASN B 296 0.04 -27.57 -13.08
C ASN B 296 -0.48 -27.74 -11.66
N GLY B 301 -4.40 -34.86 -6.50
CA GLY B 301 -4.84 -35.44 -7.77
C GLY B 301 -5.72 -36.66 -7.60
N PHE B 302 -7.04 -36.45 -7.46
CA PHE B 302 -8.02 -37.52 -7.30
C PHE B 302 -9.31 -37.27 -8.10
N ALA B 303 -9.88 -38.34 -8.68
CA ALA B 303 -11.11 -38.29 -9.47
C ALA B 303 -12.34 -38.22 -8.56
N PHE B 304 -13.22 -37.23 -8.81
CA PHE B 304 -14.43 -37.01 -8.03
C PHE B 304 -15.66 -36.67 -8.87
N CYS B 305 -16.86 -37.01 -8.35
CA CYS B 305 -18.16 -36.71 -8.95
C CYS B 305 -18.46 -35.23 -8.72
N ARG B 306 -19.02 -34.54 -9.73
CA ARG B 306 -19.34 -33.11 -9.64
C ARG B 306 -20.53 -32.82 -8.70
N GLU B 307 -21.56 -33.70 -8.72
CA GLU B 307 -22.77 -33.55 -7.92
C GLU B 307 -22.56 -33.73 -6.41
N CYS B 308 -22.16 -34.93 -5.96
CA CYS B 308 -21.98 -35.26 -4.54
C CYS B 308 -20.61 -34.83 -3.97
N LYS B 309 -19.64 -34.49 -4.84
CA LYS B 309 -18.26 -34.06 -4.52
C LYS B 309 -17.46 -35.15 -3.75
N GLU B 310 -17.85 -36.42 -3.90
CA GLU B 310 -17.19 -37.58 -3.29
C GLU B 310 -16.43 -38.33 -4.38
N ALA B 311 -15.65 -39.38 -4.02
CA ALA B 311 -14.88 -40.20 -4.97
C ALA B 311 -15.78 -40.68 -6.12
N TYR B 312 -15.32 -40.52 -7.37
CA TYR B 312 -16.08 -40.87 -8.58
C TYR B 312 -16.61 -42.30 -8.57
N HIS B 313 -17.92 -42.42 -8.86
CA HIS B 313 -18.68 -43.66 -8.91
C HIS B 313 -19.64 -43.65 -10.12
N GLU B 314 -20.47 -44.69 -10.25
CA GLU B 314 -21.46 -44.80 -11.32
C GLU B 314 -22.88 -44.92 -10.78
N GLY B 315 -23.85 -44.55 -11.61
CA GLY B 315 -25.27 -44.58 -11.27
C GLY B 315 -25.71 -43.38 -10.47
N GLU B 316 -26.62 -43.61 -9.51
CA GLU B 316 -27.17 -42.55 -8.65
C GLU B 316 -26.21 -42.10 -7.54
N CYS B 317 -26.30 -40.81 -7.16
CA CYS B 317 -25.51 -40.23 -6.08
C CYS B 317 -26.11 -40.71 -4.76
N SER B 318 -25.28 -40.83 -3.71
CA SER B 318 -25.69 -41.27 -2.38
C SER B 318 -26.84 -40.40 -1.87
N ALA B 319 -27.96 -41.04 -1.47
CA ALA B 319 -29.22 -40.44 -0.97
C ALA B 319 -29.04 -39.29 0.01
N VAL B 320 -27.96 -39.31 0.82
CA VAL B 320 -27.65 -38.26 1.79
C VAL B 320 -26.96 -37.06 1.05
N PHE B 321 -27.78 -36.29 0.31
CA PHE B 321 -27.40 -35.09 -0.46
C PHE B 321 -28.66 -34.33 -0.90
N GLU B 322 -28.85 -33.12 -0.31
CA GLU B 322 -29.97 -32.18 -0.53
C GLU B 322 -31.35 -32.82 -0.43
N TYR B 331 -27.10 -17.78 11.39
CA TYR B 331 -26.49 -17.45 12.68
C TYR B 331 -26.97 -16.10 13.21
N ARG B 332 -27.26 -16.04 14.53
CA ARG B 332 -27.73 -14.85 15.23
C ARG B 332 -26.98 -14.71 16.57
N VAL B 333 -26.38 -13.53 16.80
CA VAL B 333 -25.64 -13.22 18.03
C VAL B 333 -26.60 -13.00 19.21
N ASP B 334 -26.14 -13.33 20.44
CA ASP B 334 -26.91 -13.10 21.66
C ASP B 334 -26.93 -11.60 21.94
N GLU B 335 -28.15 -11.03 22.07
CA GLU B 335 -28.41 -9.61 22.30
C GLU B 335 -27.67 -9.04 23.52
N ARG B 336 -27.73 -9.76 24.66
CA ARG B 336 -27.06 -9.35 25.90
C ARG B 336 -25.54 -9.47 25.81
N ALA B 337 -25.05 -10.46 25.05
CA ALA B 337 -23.61 -10.69 24.82
C ALA B 337 -23.02 -9.59 23.94
N ALA B 338 -23.79 -9.13 22.93
CA ALA B 338 -23.40 -8.06 22.00
C ALA B 338 -23.35 -6.71 22.73
N GLU B 339 -24.27 -6.47 23.69
CA GLU B 339 -24.33 -5.24 24.49
C GLU B 339 -23.16 -5.17 25.46
N GLN B 340 -22.78 -6.31 26.07
CA GLN B 340 -21.68 -6.44 27.02
C GLN B 340 -20.30 -6.34 26.35
N ALA B 341 -20.22 -6.64 25.05
CA ALA B 341 -18.99 -6.63 24.26
C ALA B 341 -18.61 -5.27 23.63
N ARG B 342 -19.19 -4.16 24.13
CA ARG B 342 -18.90 -2.82 23.63
C ARG B 342 -17.63 -2.27 24.28
N TRP B 343 -16.61 -2.00 23.44
CA TRP B 343 -15.28 -1.49 23.83
C TRP B 343 -15.32 -0.10 24.47
N GLU B 344 -16.20 0.80 23.98
CA GLU B 344 -16.32 2.18 24.47
C GLU B 344 -17.61 2.45 25.25
N ALA B 345 -18.70 1.71 24.92
CA ALA B 345 -20.00 1.85 25.57
C ALA B 345 -20.30 0.64 26.46
N THR B 354 -6.21 10.97 36.88
CA THR B 354 -6.41 12.41 36.90
C THR B 354 -5.05 13.11 37.00
N THR B 355 -4.40 13.05 38.18
CA THR B 355 -3.09 13.64 38.47
C THR B 355 -2.18 12.62 39.12
N LYS B 356 -0.89 12.64 38.77
CA LYS B 356 0.12 11.74 39.32
C LYS B 356 1.34 12.52 39.81
N PRO B 357 1.90 12.21 41.01
CA PRO B 357 3.07 12.96 41.48
C PRO B 357 4.35 12.55 40.75
N CYS B 358 5.31 13.50 40.65
CA CYS B 358 6.60 13.30 40.00
C CYS B 358 7.42 12.26 40.79
N PRO B 359 8.05 11.25 40.14
CA PRO B 359 8.83 10.26 40.91
C PRO B 359 10.09 10.80 41.60
N ARG B 360 10.47 12.07 41.35
CA ARG B 360 11.65 12.71 41.94
C ARG B 360 11.30 13.84 42.93
N CYS B 361 10.57 14.89 42.49
CA CYS B 361 10.22 16.04 43.34
C CYS B 361 8.81 15.95 43.99
N HIS B 362 8.01 14.94 43.60
CA HIS B 362 6.66 14.62 44.11
C HIS B 362 5.59 15.70 43.82
N VAL B 363 5.86 16.63 42.88
CA VAL B 363 4.90 17.68 42.48
C VAL B 363 3.90 17.04 41.48
N PRO B 364 2.55 17.14 41.72
CA PRO B 364 1.59 16.51 40.80
C PRO B 364 1.60 17.07 39.38
N VAL B 365 1.61 16.17 38.37
CA VAL B 365 1.65 16.51 36.94
C VAL B 365 0.36 16.02 36.26
N GLU B 366 -0.27 16.89 35.45
CA GLU B 366 -1.49 16.57 34.69
C GLU B 366 -1.14 15.91 33.35
N LYS B 367 -1.91 14.88 32.97
CA LYS B 367 -1.69 14.16 31.71
C LYS B 367 -2.40 14.86 30.55
N ASN B 368 -1.65 15.16 29.48
CA ASN B 368 -2.17 15.78 28.26
C ASN B 368 -2.15 14.76 27.12
N GLY B 369 -3.33 14.30 26.74
CA GLY B 369 -3.51 13.31 25.68
C GLY B 369 -3.18 11.90 26.12
N GLY B 370 -3.01 11.01 25.13
CA GLY B 370 -2.72 9.61 25.35
C GLY B 370 -1.25 9.25 25.49
N CYS B 371 -0.34 10.21 25.21
CA CYS B 371 1.12 10.00 25.30
C CYS B 371 1.57 9.73 26.74
N MET B 372 2.35 8.63 26.93
CA MET B 372 2.85 8.19 28.22
C MET B 372 4.14 8.90 28.64
N HIS B 373 4.82 9.58 27.69
CA HIS B 373 6.04 10.33 27.96
C HIS B 373 5.67 11.62 28.67
N MET B 374 5.96 11.66 29.99
CA MET B 374 5.68 12.80 30.86
C MET B 374 6.97 13.55 31.18
N LYS B 375 6.86 14.86 31.37
CA LYS B 375 7.99 15.72 31.75
C LYS B 375 7.54 16.66 32.86
N CYS B 376 8.37 16.77 33.91
CA CYS B 376 8.09 17.61 35.07
C CYS B 376 8.13 19.11 34.72
N PRO B 377 7.08 19.90 35.05
CA PRO B 377 7.10 21.33 34.70
C PRO B 377 8.02 22.21 35.55
N GLN B 378 8.52 21.67 36.69
CA GLN B 378 9.42 22.37 37.61
C GLN B 378 10.78 22.64 36.92
N PRO B 379 11.36 23.85 37.05
CA PRO B 379 12.62 24.14 36.34
C PRO B 379 13.86 23.40 36.86
N GLN B 380 13.86 22.98 38.15
CA GLN B 380 15.00 22.28 38.74
C GLN B 380 14.91 20.75 38.64
N CYS B 381 13.72 20.20 38.37
CA CYS B 381 13.53 18.76 38.22
C CYS B 381 13.65 18.33 36.76
N ARG B 382 12.71 18.79 35.90
CA ARG B 382 12.62 18.53 34.44
C ARG B 382 12.77 17.02 34.07
N LEU B 383 12.45 16.12 35.03
CA LEU B 383 12.54 14.67 34.85
C LEU B 383 11.56 14.16 33.81
N GLU B 384 12.06 13.37 32.86
CA GLU B 384 11.26 12.73 31.83
C GLU B 384 10.91 11.33 32.37
N TRP B 385 9.62 11.08 32.65
CA TRP B 385 9.13 9.84 33.25
C TRP B 385 7.93 9.23 32.54
N CYS B 386 7.66 7.94 32.80
CA CYS B 386 6.52 7.21 32.23
C CYS B 386 5.34 7.27 33.19
N TRP B 387 4.16 7.66 32.67
CA TRP B 387 2.90 7.80 33.40
C TRP B 387 2.45 6.50 34.07
N ASN B 388 2.57 5.36 33.37
CA ASN B 388 2.16 4.05 33.88
C ASN B 388 3.14 3.42 34.86
N CYS B 389 4.41 3.29 34.46
CA CYS B 389 5.47 2.65 35.25
C CYS B 389 5.95 3.48 36.45
N GLY B 390 6.03 4.79 36.28
CA GLY B 390 6.50 5.70 37.32
C GLY B 390 8.02 5.73 37.44
N CYS B 391 8.71 5.31 36.37
CA CYS B 391 10.17 5.28 36.27
C CYS B 391 10.61 6.34 35.25
N GLU B 392 11.94 6.59 35.16
CA GLU B 392 12.50 7.52 34.19
C GLU B 392 12.26 6.99 32.77
N TRP B 393 11.93 7.90 31.82
CA TRP B 393 11.63 7.56 30.42
C TRP B 393 12.81 6.86 29.73
N ASN B 394 12.52 5.67 29.16
CA ASN B 394 13.49 4.81 28.49
C ASN B 394 12.92 4.21 27.20
N ARG B 395 13.79 3.52 26.43
CA ARG B 395 13.46 2.87 25.16
C ARG B 395 12.47 1.70 25.31
N VAL B 396 12.47 1.03 26.49
CA VAL B 396 11.58 -0.11 26.79
C VAL B 396 10.12 0.39 26.89
N CYS B 397 9.86 1.43 27.72
CA CYS B 397 8.54 2.05 27.87
C CYS B 397 8.07 2.70 26.58
N MET B 398 9.02 3.24 25.78
CA MET B 398 8.80 3.87 24.49
C MET B 398 8.25 2.86 23.47
N GLY B 399 8.91 1.70 23.37
CA GLY B 399 8.52 0.65 22.45
C GLY B 399 7.27 -0.10 22.84
N ASP B 400 7.16 -0.44 24.14
CA ASP B 400 6.04 -1.19 24.73
C ASP B 400 4.74 -0.40 24.85
N HIS B 401 4.81 0.87 25.33
CA HIS B 401 3.62 1.69 25.54
C HIS B 401 3.89 3.20 25.42
N TRP B 402 4.18 3.69 24.18
CA TRP B 402 4.41 5.12 23.94
C TRP B 402 3.11 5.90 24.21
N PHE B 403 1.97 5.34 23.77
CA PHE B 403 0.65 5.91 23.99
C PHE B 403 -0.33 4.85 24.50
N ASP B 404 -1.33 5.30 25.27
CA ASP B 404 -2.36 4.44 25.86
C ASP B 404 -3.40 4.03 24.81
N VAL B 405 -3.77 2.73 24.82
CA VAL B 405 -4.77 2.11 23.94
C VAL B 405 -5.29 0.82 24.58
ZN ZN C . 19.79 10.27 -4.18
ZN ZN D . 15.71 -15.24 6.32
ZN ZN E . 9.24 15.81 -24.73
ZN ZN F . -1.20 6.68 -25.43
ZN ZN G . -4.45 32.59 0.38
ZN ZN H . -14.32 41.49 -9.22
ZN ZN I . 33.15 -20.31 -19.90
ZN ZN J . 26.94 -5.40 -16.25
C1 GOL K . 8.39 -7.21 -3.51
O1 GOL K . 9.78 -7.46 -3.28
C2 GOL K . 7.75 -6.57 -2.30
O2 GOL K . 8.13 -7.27 -1.12
C3 GOL K . 8.09 -5.10 -2.16
O3 GOL K . 7.41 -4.33 -3.14
C1 GOL L . 8.62 0.06 -20.03
O1 GOL L . 9.63 0.37 -19.08
C2 GOL L . 7.26 0.08 -19.37
O2 GOL L . 7.20 -0.90 -18.33
C3 GOL L . 6.15 -0.17 -20.37
O3 GOL L . 6.19 -1.50 -20.88
S SO4 M . 3.56 35.59 -38.46
O1 SO4 M . 4.37 34.60 -37.79
O2 SO4 M . 2.36 34.96 -39.00
O3 SO4 M . 3.16 36.62 -37.50
O4 SO4 M . 4.33 36.20 -39.54
S SO4 N . 22.81 -7.25 -26.68
O1 SO4 N . 23.12 -8.57 -27.23
O2 SO4 N . 21.37 -7.17 -26.38
O3 SO4 N . 23.57 -7.04 -25.44
O4 SO4 N . 23.16 -6.22 -27.65
CL CL O . 12.80 2.47 -13.71
ZN ZN P . 8.43 -12.66 16.94
ZN ZN Q . 17.11 12.51 8.40
ZN ZN R . -14.43 -15.40 22.35
ZN ZN S . -20.54 -4.93 15.65
ZN ZN T . -7.11 -31.71 -5.65
ZN ZN U . -21.94 -38.45 -7.08
ZN ZN V . 9.68 16.66 39.08
ZN ZN W . 6.33 2.58 31.23
C1 GOL X . 3.79 4.05 7.63
O1 GOL X . 4.54 3.16 6.81
C2 GOL X . 4.69 5.06 8.27
O2 GOL X . 5.27 5.90 7.27
C3 GOL X . 3.93 5.91 9.26
O3 GOL X . 4.80 6.84 9.90
C1 GOL Y . -8.83 -0.77 19.03
O1 GOL Y . -8.28 -0.36 20.27
C2 GOL Y . -9.51 0.40 18.34
O2 GOL Y . -9.68 0.09 16.95
C3 GOL Y . -10.86 0.67 18.96
O3 GOL Y . -11.49 1.78 18.33
S SO4 Z . 15.71 -2.17 19.48
O1 SO4 Z . 15.89 -3.43 18.77
O2 SO4 Z . 14.82 -2.36 20.61
O3 SO4 Z . 17.01 -1.69 19.95
O4 SO4 Z . 15.13 -1.18 18.56
#